data_5NHQ
#
_entry.id   5NHQ
#
_entity_poly.entity_id   1
_entity_poly.type   'polypeptide(L)'
_entity_poly.pdbx_seq_one_letter_code
;MVLRQLSRKASVKVSKTWSGTKKRAQRILIFLLEFLLDFCTGEDSVDGKKRQRHSGLTEQTYSALPEPKAT
;
_entity_poly.pdbx_strand_id   A
#
# COMPACT_ATOMS: atom_id res chain seq x y z
N MET A 1 -13.62 17.55 27.90
CA MET A 1 -13.62 18.91 28.49
C MET A 1 -12.32 19.63 28.14
N VAL A 2 -11.23 19.27 28.81
CA VAL A 2 -9.94 19.90 28.56
C VAL A 2 -9.01 18.96 27.80
N LEU A 3 -8.87 17.74 28.33
CA LEU A 3 -8.00 16.75 27.72
C LEU A 3 -8.59 16.26 26.40
N ARG A 4 -7.83 16.38 25.33
CA ARG A 4 -8.28 15.98 24.01
C ARG A 4 -7.21 15.16 23.30
N GLN A 5 -7.03 13.93 23.75
CA GLN A 5 -6.03 13.04 23.16
C GLN A 5 -6.45 12.59 21.78
N LEU A 6 -5.82 13.15 20.75
CA LEU A 6 -6.12 12.79 19.38
C LEU A 6 -5.79 11.33 19.12
N SER A 7 -4.90 10.79 19.93
CA SER A 7 -4.43 9.41 19.79
C SER A 7 -5.56 8.41 19.99
N ARG A 8 -6.57 8.78 20.77
CA ARG A 8 -7.65 7.85 21.10
C ARG A 8 -8.60 7.69 19.91
N LYS A 9 -8.70 8.72 19.09
CA LYS A 9 -9.53 8.63 17.89
C LYS A 9 -8.66 8.21 16.71
N ALA A 10 -7.36 8.47 16.81
CA ALA A 10 -6.41 8.06 15.80
C ALA A 10 -6.26 6.55 15.78
N SER A 11 -6.58 5.93 16.90
CA SER A 11 -6.53 4.49 17.02
C SER A 11 -7.76 3.85 16.38
N VAL A 12 -8.80 4.66 16.17
CA VAL A 12 -10.05 4.17 15.61
C VAL A 12 -10.19 4.56 14.15
N LYS A 13 -10.34 5.85 13.90
CA LYS A 13 -10.54 6.36 12.56
C LYS A 13 -9.23 6.84 11.94
N VAL A 14 -8.24 7.02 12.80
CA VAL A 14 -6.92 7.52 12.41
C VAL A 14 -6.98 8.99 12.03
N SER A 15 -7.64 9.29 10.93
CA SER A 15 -7.80 10.66 10.44
C SER A 15 -6.46 11.34 10.21
N LYS A 16 -5.87 11.05 9.05
CA LYS A 16 -4.61 11.65 8.64
C LYS A 16 -4.88 12.99 7.94
N THR A 17 -5.66 13.84 8.60
CA THR A 17 -6.04 15.13 8.05
C THR A 17 -4.82 16.03 7.91
N TRP A 18 -4.29 16.45 9.05
CA TRP A 18 -3.10 17.28 9.08
C TRP A 18 -1.95 16.48 9.69
N SER A 19 -2.29 15.32 10.22
CA SER A 19 -1.31 14.43 10.84
C SER A 19 -0.40 13.82 9.78
N GLY A 20 0.65 14.55 9.40
CA GLY A 20 1.61 14.06 8.44
C GLY A 20 1.10 14.15 7.01
N THR A 21 0.74 15.34 6.58
CA THR A 21 0.22 15.53 5.24
C THR A 21 1.01 16.60 4.48
N LYS A 22 1.63 17.52 5.20
CA LYS A 22 2.34 18.62 4.56
C LYS A 22 3.65 18.11 3.98
N LYS A 23 4.37 17.32 4.76
CA LYS A 23 5.68 16.85 4.33
C LYS A 23 5.75 15.32 4.27
N ARG A 24 5.02 14.65 5.15
CA ARG A 24 5.04 13.20 5.21
C ARG A 24 4.36 12.59 3.96
N ALA A 25 3.37 13.31 3.44
CA ALA A 25 2.56 12.80 2.32
C ALA A 25 3.39 12.55 1.07
N GLN A 26 4.47 13.32 0.89
CA GLN A 26 5.30 13.19 -0.30
C GLN A 26 5.93 11.81 -0.37
N ARG A 27 6.14 11.19 0.79
CA ARG A 27 6.72 9.85 0.83
C ARG A 27 5.64 8.81 1.00
N ILE A 28 4.46 9.22 1.45
CA ILE A 28 3.31 8.33 1.51
C ILE A 28 2.94 7.89 0.10
N LEU A 29 3.17 8.79 -0.85
CA LEU A 29 2.98 8.49 -2.26
C LEU A 29 3.86 7.31 -2.66
N ILE A 30 5.15 7.41 -2.34
CA ILE A 30 6.10 6.34 -2.63
C ILE A 30 5.75 5.09 -1.83
N PHE A 31 5.40 5.27 -0.56
CA PHE A 31 4.98 4.18 0.31
C PHE A 31 3.81 3.43 -0.29
N LEU A 32 2.91 4.17 -0.92
CA LEU A 32 1.75 3.60 -1.60
C LEU A 32 2.21 2.75 -2.78
N LEU A 33 3.17 3.26 -3.54
CA LEU A 33 3.70 2.56 -4.70
C LEU A 33 4.36 1.26 -4.28
N GLU A 34 5.35 1.38 -3.41
CA GLU A 34 6.14 0.24 -2.95
C GLU A 34 5.29 -0.79 -2.21
N PHE A 35 4.21 -0.32 -1.60
CA PHE A 35 3.27 -1.20 -0.91
C PHE A 35 2.78 -2.31 -1.85
N LEU A 36 2.43 -1.91 -3.07
CA LEU A 36 1.99 -2.86 -4.08
C LEU A 36 3.09 -3.88 -4.40
N LEU A 37 4.33 -3.41 -4.38
CA LEU A 37 5.46 -4.28 -4.70
C LEU A 37 5.72 -5.26 -3.57
N ASP A 38 5.86 -4.74 -2.35
CA ASP A 38 6.18 -5.56 -1.19
C ASP A 38 5.06 -6.51 -0.84
N PHE A 39 3.81 -6.05 -0.96
CA PHE A 39 2.65 -6.88 -0.64
C PHE A 39 2.60 -8.09 -1.57
N CYS A 40 3.04 -7.90 -2.81
CA CYS A 40 3.10 -8.99 -3.77
C CYS A 40 4.21 -9.96 -3.42
N THR A 41 5.29 -9.42 -2.85
CA THR A 41 6.41 -10.23 -2.41
C THR A 41 6.04 -11.04 -1.17
N GLY A 42 5.45 -10.36 -0.19
CA GLY A 42 5.06 -11.01 1.04
C GLY A 42 4.51 -10.04 2.05
N GLU A 43 4.64 -10.37 3.33
CA GLU A 43 4.16 -9.51 4.38
C GLU A 43 5.18 -8.42 4.72
N ASP A 44 4.70 -7.28 5.17
CA ASP A 44 5.56 -6.17 5.56
C ASP A 44 5.52 -5.97 7.07
N SER A 45 4.61 -6.69 7.72
CA SER A 45 4.49 -6.63 9.16
C SER A 45 4.89 -7.95 9.78
N VAL A 46 6.18 -8.10 10.07
CA VAL A 46 6.70 -9.33 10.63
C VAL A 46 6.46 -9.37 12.14
N ASP A 47 5.27 -9.77 12.52
CA ASP A 47 4.88 -9.84 13.92
C ASP A 47 4.31 -11.22 14.23
N GLY A 48 5.06 -11.98 15.00
CA GLY A 48 4.67 -13.35 15.28
C GLY A 48 3.89 -13.47 16.57
N LYS A 49 3.02 -12.51 16.83
CA LYS A 49 2.19 -12.55 18.02
C LYS A 49 1.00 -13.47 17.82
N LYS A 50 0.89 -14.48 18.65
CA LYS A 50 -0.21 -15.42 18.56
C LYS A 50 -1.44 -14.87 19.26
N ARG A 51 -2.56 -15.58 19.09
CA ARG A 51 -3.85 -15.14 19.64
C ARG A 51 -4.25 -13.80 19.03
N GLN A 52 -5.36 -13.25 19.51
CA GLN A 52 -5.77 -11.93 19.09
C GLN A 52 -4.94 -10.88 19.84
N ARG A 53 -5.24 -10.73 21.12
CA ARG A 53 -4.53 -9.78 21.97
C ARG A 53 -4.48 -10.33 23.39
N HIS A 54 -4.74 -11.62 23.52
CA HIS A 54 -4.80 -12.30 24.81
C HIS A 54 -5.07 -13.78 24.60
N SER A 55 -4.49 -14.62 25.45
CA SER A 55 -4.64 -16.06 25.31
C SER A 55 -5.93 -16.56 25.97
N GLY A 56 -6.44 -15.76 26.90
CA GLY A 56 -7.77 -15.98 27.44
C GLY A 56 -7.86 -17.16 28.38
N LEU A 57 -6.84 -17.36 29.21
CA LEU A 57 -6.85 -18.46 30.17
C LEU A 57 -7.92 -18.25 31.23
N THR A 58 -7.64 -17.36 32.18
CA THR A 58 -8.60 -17.06 33.24
C THR A 58 -9.68 -16.10 32.76
N GLU A 59 -9.59 -15.72 31.49
CA GLU A 59 -10.55 -14.81 30.89
C GLU A 59 -11.83 -15.55 30.53
N GLN A 60 -12.74 -15.61 31.50
CA GLN A 60 -13.99 -16.33 31.32
C GLN A 60 -15.16 -15.38 31.29
N THR A 61 -15.05 -14.36 30.46
CA THR A 61 -16.14 -13.40 30.30
C THR A 61 -16.98 -13.78 29.08
N TYR A 62 -18.06 -14.49 29.33
CA TYR A 62 -18.89 -15.03 28.27
C TYR A 62 -19.93 -14.02 27.79
N SER A 63 -19.47 -12.81 27.53
CA SER A 63 -20.34 -11.74 27.08
C SER A 63 -20.64 -11.87 25.59
N ALA A 64 -19.59 -11.99 24.78
CA ALA A 64 -19.73 -12.12 23.33
C ALA A 64 -20.57 -10.98 22.75
N LEU A 65 -20.19 -9.76 23.09
CA LEU A 65 -20.88 -8.57 22.65
C LEU A 65 -19.88 -7.48 22.30
N PRO A 66 -20.23 -6.54 21.42
CA PRO A 66 -19.36 -5.41 21.05
C PRO A 66 -19.29 -4.37 22.16
N GLU A 67 -18.87 -4.82 23.33
CA GLU A 67 -18.80 -3.98 24.52
C GLU A 67 -17.67 -2.94 24.40
N PRO A 68 -18.01 -1.65 24.51
CA PRO A 68 -17.02 -0.57 24.50
C PRO A 68 -16.17 -0.60 25.77
N LYS A 69 -15.00 -1.21 25.67
CA LYS A 69 -14.10 -1.34 26.81
C LYS A 69 -13.37 -0.03 27.04
N ALA A 70 -12.49 0.32 26.12
CA ALA A 70 -11.68 1.52 26.26
C ALA A 70 -11.26 2.09 24.90
N THR A 71 -10.98 1.20 23.95
CA THR A 71 -10.56 1.62 22.63
C THR A 71 -11.75 2.09 21.79
N MET A 1 -10.38 -13.90 3.48
CA MET A 1 -8.97 -13.79 3.04
C MET A 1 -8.57 -12.33 2.88
N VAL A 2 -7.57 -11.91 3.64
CA VAL A 2 -7.10 -10.53 3.60
C VAL A 2 -5.84 -10.36 4.46
N LEU A 3 -5.81 -11.04 5.61
CA LEU A 3 -4.68 -10.95 6.54
C LEU A 3 -4.39 -9.48 6.87
N ARG A 4 -5.28 -8.88 7.65
CA ARG A 4 -5.13 -7.49 8.02
C ARG A 4 -5.23 -7.33 9.54
N GLN A 5 -4.79 -8.36 10.25
CA GLN A 5 -4.90 -8.41 11.70
C GLN A 5 -4.26 -7.19 12.37
N LEU A 6 -3.07 -6.84 11.91
CA LEU A 6 -2.35 -5.70 12.45
C LEU A 6 -2.56 -4.47 11.57
N SER A 7 -2.85 -4.73 10.30
CA SER A 7 -3.06 -3.67 9.32
C SER A 7 -4.31 -2.85 9.66
N ARG A 8 -5.34 -3.53 10.14
CA ARG A 8 -6.61 -2.89 10.47
C ARG A 8 -6.47 -1.89 11.61
N LYS A 9 -5.43 -2.06 12.41
CA LYS A 9 -5.20 -1.17 13.54
C LYS A 9 -4.51 0.12 13.09
N ALA A 10 -3.89 0.08 11.92
CA ALA A 10 -3.22 1.24 11.37
C ALA A 10 -4.10 1.93 10.33
N SER A 11 -4.56 1.15 9.34
CA SER A 11 -5.39 1.67 8.28
C SER A 11 -6.86 1.62 8.67
N VAL A 12 -7.18 2.21 9.82
CA VAL A 12 -8.55 2.21 10.31
C VAL A 12 -9.27 3.51 9.94
N LYS A 13 -8.64 4.64 10.25
CA LYS A 13 -9.28 5.94 10.03
C LYS A 13 -8.68 6.64 8.82
N VAL A 14 -7.80 5.96 8.11
CA VAL A 14 -7.16 6.52 6.93
C VAL A 14 -8.17 6.80 5.82
N SER A 15 -9.34 6.19 5.94
CA SER A 15 -10.40 6.40 4.97
C SER A 15 -11.73 6.67 5.68
N LYS A 16 -11.65 7.10 6.94
CA LYS A 16 -12.85 7.37 7.72
C LYS A 16 -12.86 8.79 8.29
N THR A 17 -11.81 9.54 7.99
CA THR A 17 -11.71 10.91 8.48
C THR A 17 -10.74 11.69 7.60
N TRP A 18 -10.45 12.91 8.00
CA TRP A 18 -9.56 13.79 7.24
C TRP A 18 -8.11 13.46 7.55
N SER A 19 -7.74 12.22 7.32
CA SER A 19 -6.38 11.77 7.56
C SER A 19 -5.55 11.83 6.28
N GLY A 20 -5.88 10.98 5.32
CA GLY A 20 -5.18 10.99 4.05
C GLY A 20 -5.51 12.23 3.23
N THR A 21 -6.78 12.60 3.25
CA THR A 21 -7.25 13.78 2.52
C THR A 21 -6.81 15.06 3.23
N LYS A 22 -6.01 14.92 4.27
CA LYS A 22 -5.39 16.04 4.94
C LYS A 22 -4.09 16.40 4.21
N LYS A 23 -3.95 15.82 3.02
CA LYS A 23 -2.75 15.97 2.20
C LYS A 23 -1.59 15.22 2.86
N ARG A 24 -1.94 14.14 3.53
CA ARG A 24 -0.95 13.28 4.16
C ARG A 24 -0.45 12.26 3.16
N ALA A 25 -1.29 11.95 2.17
CA ALA A 25 -0.97 10.96 1.16
C ALA A 25 0.22 11.40 0.31
N GLN A 26 0.54 12.69 0.35
CA GLN A 26 1.66 13.23 -0.41
C GLN A 26 2.98 12.67 0.12
N ARG A 27 2.96 12.16 1.34
CA ARG A 27 4.14 11.57 1.96
C ARG A 27 4.00 10.06 2.05
N ILE A 28 2.89 9.54 1.52
CA ILE A 28 2.63 8.12 1.53
C ILE A 28 2.69 7.55 0.11
N LEU A 29 2.55 8.44 -0.87
CA LEU A 29 2.50 8.07 -2.28
C LEU A 29 3.59 7.08 -2.69
N ILE A 30 4.84 7.46 -2.45
CA ILE A 30 5.96 6.60 -2.83
C ILE A 30 5.93 5.30 -2.04
N PHE A 31 5.60 5.39 -0.76
CA PHE A 31 5.49 4.22 0.11
C PHE A 31 4.39 3.29 -0.41
N LEU A 32 3.32 3.89 -0.92
CA LEU A 32 2.20 3.15 -1.48
C LEU A 32 2.66 2.37 -2.71
N LEU A 33 3.45 3.02 -3.55
CA LEU A 33 4.01 2.36 -4.74
C LEU A 33 4.80 1.14 -4.33
N GLU A 34 5.75 1.35 -3.43
CA GLU A 34 6.57 0.28 -2.89
C GLU A 34 5.71 -0.78 -2.21
N PHE A 35 4.66 -0.31 -1.54
CA PHE A 35 3.74 -1.19 -0.81
C PHE A 35 3.14 -2.23 -1.73
N LEU A 36 2.65 -1.80 -2.90
CA LEU A 36 2.06 -2.72 -3.88
C LEU A 36 3.05 -3.79 -4.29
N LEU A 37 4.33 -3.44 -4.28
CA LEU A 37 5.39 -4.37 -4.65
C LEU A 37 5.67 -5.37 -3.52
N ASP A 38 5.79 -4.86 -2.30
CA ASP A 38 6.08 -5.72 -1.14
C ASP A 38 4.86 -6.54 -0.74
N PHE A 39 3.70 -5.92 -0.84
CA PHE A 39 2.43 -6.60 -0.58
C PHE A 39 2.14 -7.62 -1.67
N CYS A 40 2.72 -7.37 -2.84
CA CYS A 40 2.55 -8.24 -4.00
C CYS A 40 1.08 -8.38 -4.36
N THR A 41 0.48 -7.27 -4.78
CA THR A 41 -0.91 -7.26 -5.17
C THR A 41 -1.13 -8.20 -6.35
N GLY A 42 -2.23 -8.93 -6.32
CA GLY A 42 -2.53 -9.89 -7.35
C GLY A 42 -3.87 -9.63 -8.01
N GLU A 43 -4.27 -10.55 -8.88
CA GLU A 43 -5.52 -10.44 -9.58
C GLU A 43 -6.66 -10.89 -8.68
N ASP A 44 -6.34 -11.83 -7.79
CA ASP A 44 -7.32 -12.44 -6.87
C ASP A 44 -8.29 -13.34 -7.63
N SER A 45 -9.16 -12.71 -8.39
CA SER A 45 -10.16 -13.43 -9.16
C SER A 45 -9.97 -13.13 -10.65
N VAL A 46 -10.96 -13.48 -11.46
CA VAL A 46 -10.90 -13.22 -12.89
C VAL A 46 -10.74 -11.73 -13.19
N ASP A 47 -11.53 -10.91 -12.49
CA ASP A 47 -11.49 -9.46 -12.63
C ASP A 47 -11.67 -9.02 -14.08
N GLY A 48 -12.91 -8.66 -14.42
CA GLY A 48 -13.22 -8.18 -15.75
C GLY A 48 -12.73 -6.76 -15.96
N LYS A 49 -11.45 -6.57 -15.70
CA LYS A 49 -10.82 -5.26 -15.76
C LYS A 49 -9.33 -5.43 -15.98
N LYS A 50 -8.88 -5.21 -17.22
CA LYS A 50 -7.47 -5.34 -17.52
C LYS A 50 -6.67 -4.27 -16.81
N ARG A 51 -5.39 -4.55 -16.62
CA ARG A 51 -4.54 -3.71 -15.80
C ARG A 51 -3.28 -3.33 -16.55
N GLN A 52 -2.46 -4.32 -16.87
CA GLN A 52 -1.23 -4.09 -17.60
C GLN A 52 -1.46 -4.28 -19.10
N ARG A 53 -2.65 -4.80 -19.43
CA ARG A 53 -3.08 -5.03 -20.80
C ARG A 53 -2.10 -5.92 -21.57
N HIS A 54 -1.56 -6.92 -20.88
CA HIS A 54 -0.64 -7.86 -21.52
C HIS A 54 -0.74 -9.22 -20.83
N SER A 55 -0.44 -9.24 -19.54
CA SER A 55 -0.58 -10.42 -18.70
C SER A 55 0.41 -11.52 -19.07
N GLY A 56 1.33 -11.80 -18.16
CA GLY A 56 2.27 -12.89 -18.37
C GLY A 56 1.67 -14.21 -17.95
N LEU A 57 1.54 -15.13 -18.89
CA LEU A 57 0.91 -16.42 -18.62
C LEU A 57 1.89 -17.34 -17.90
N THR A 58 2.89 -17.80 -18.62
CA THR A 58 3.92 -18.66 -18.05
C THR A 58 4.91 -17.83 -17.25
N GLU A 59 4.90 -16.52 -17.48
CA GLU A 59 5.77 -15.61 -16.77
C GLU A 59 5.27 -15.40 -15.34
N GLN A 60 6.20 -15.42 -14.39
CA GLN A 60 5.88 -15.26 -12.97
C GLN A 60 4.90 -16.32 -12.50
N THR A 61 5.28 -17.58 -12.66
CA THR A 61 4.47 -18.67 -12.18
C THR A 61 4.73 -18.92 -10.70
N TYR A 62 3.67 -18.94 -9.91
CA TYR A 62 3.79 -19.16 -8.48
C TYR A 62 3.97 -20.65 -8.21
N SER A 63 4.86 -20.97 -7.27
CA SER A 63 5.18 -22.36 -6.92
C SER A 63 5.84 -23.06 -8.11
N ALA A 64 5.89 -24.38 -8.07
CA ALA A 64 6.52 -25.19 -9.12
C ALA A 64 7.99 -24.82 -9.28
N LEU A 65 8.68 -24.78 -8.15
CA LEU A 65 10.09 -24.44 -8.12
C LEU A 65 10.84 -25.47 -7.27
N PRO A 66 12.11 -25.75 -7.61
CA PRO A 66 12.90 -26.76 -6.91
C PRO A 66 13.40 -26.27 -5.54
N GLU A 67 12.56 -26.40 -4.53
CA GLU A 67 12.95 -26.07 -3.16
C GLU A 67 13.58 -27.27 -2.49
N PRO A 68 14.82 -27.14 -2.00
CA PRO A 68 15.49 -28.22 -1.25
C PRO A 68 14.76 -28.54 0.04
N LYS A 69 14.94 -29.76 0.53
CA LYS A 69 14.28 -30.21 1.74
C LYS A 69 15.29 -30.58 2.82
N ALA A 70 16.37 -29.80 2.87
CA ALA A 70 17.42 -30.02 3.85
C ALA A 70 17.92 -28.69 4.39
N THR A 71 17.39 -28.29 5.56
CA THR A 71 17.71 -27.02 6.19
C THR A 71 17.64 -25.86 5.21
N MET A 1 -2.58 1.95 16.52
CA MET A 1 -2.25 2.64 17.79
C MET A 1 -2.81 4.06 17.78
N VAL A 2 -4.05 4.20 18.23
CA VAL A 2 -4.75 5.47 18.19
C VAL A 2 -4.40 6.35 19.39
N LEU A 3 -3.84 5.72 20.43
CA LEU A 3 -3.47 6.47 21.63
C LEU A 3 -1.98 6.79 21.61
N ARG A 4 -1.33 6.49 20.50
CA ARG A 4 0.10 6.72 20.36
C ARG A 4 0.39 7.48 19.07
N GLN A 5 1.57 8.08 19.00
CA GLN A 5 2.00 8.88 17.84
C GLN A 5 1.02 10.02 17.56
N LEU A 6 0.36 10.48 18.61
CA LEU A 6 -0.57 11.62 18.49
C LEU A 6 0.07 12.87 19.09
N SER A 7 1.26 12.69 19.65
CA SER A 7 2.00 13.79 20.24
C SER A 7 2.70 14.58 19.14
N ARG A 8 2.58 14.10 17.91
CA ARG A 8 3.16 14.77 16.74
C ARG A 8 2.64 16.19 16.63
N LYS A 9 1.42 16.42 17.11
CA LYS A 9 0.78 17.73 16.99
C LYS A 9 1.46 18.77 17.88
N ALA A 10 2.31 18.31 18.80
CA ALA A 10 3.07 19.22 19.64
C ALA A 10 4.23 19.81 18.85
N SER A 11 4.78 19.01 17.95
CA SER A 11 5.88 19.44 17.11
C SER A 11 5.35 20.17 15.88
N VAL A 12 4.24 19.68 15.33
CA VAL A 12 3.63 20.31 14.17
C VAL A 12 2.99 21.62 14.56
N LYS A 13 3.45 22.67 13.92
CA LYS A 13 2.94 24.00 14.15
C LYS A 13 3.04 24.80 12.86
N VAL A 14 3.20 24.08 11.76
CA VAL A 14 3.38 24.67 10.45
C VAL A 14 2.41 24.04 9.46
N SER A 15 2.48 24.48 8.21
CA SER A 15 1.64 23.95 7.13
C SER A 15 0.17 24.28 7.38
N LYS A 16 -0.08 25.40 8.05
CA LYS A 16 -1.43 25.81 8.37
C LYS A 16 -2.06 26.51 7.16
N THR A 17 -2.50 25.71 6.21
CA THR A 17 -3.15 26.20 5.01
C THR A 17 -3.65 25.02 4.19
N TRP A 18 -2.85 23.98 4.09
CA TRP A 18 -3.24 22.76 3.39
C TRP A 18 -2.97 21.53 4.27
N SER A 19 -2.62 21.79 5.54
CA SER A 19 -2.35 20.73 6.52
C SER A 19 -1.14 19.86 6.12
N GLY A 20 -0.30 20.40 5.25
CA GLY A 20 0.88 19.67 4.80
C GLY A 20 0.51 18.48 3.94
N THR A 21 -0.65 18.54 3.31
CA THR A 21 -1.15 17.44 2.50
C THR A 21 -0.22 17.16 1.32
N LYS A 22 0.44 18.20 0.81
CA LYS A 22 1.28 18.07 -0.36
C LYS A 22 2.50 17.20 -0.05
N LYS A 23 3.10 17.39 1.12
CA LYS A 23 4.26 16.60 1.48
C LYS A 23 3.85 15.24 2.05
N ARG A 24 2.65 15.17 2.61
CA ARG A 24 2.13 13.93 3.14
C ARG A 24 1.77 12.98 1.99
N ALA A 25 1.06 13.50 1.00
CA ALA A 25 0.59 12.70 -0.14
C ALA A 25 1.76 12.12 -0.92
N GLN A 26 2.80 12.93 -1.16
CA GLN A 26 3.95 12.47 -1.93
C GLN A 26 4.74 11.41 -1.16
N ARG A 27 4.76 11.53 0.16
CA ARG A 27 5.40 10.53 1.01
C ARG A 27 4.63 9.22 0.93
N ILE A 28 3.32 9.31 1.07
CA ILE A 28 2.47 8.14 0.99
C ILE A 28 2.52 7.55 -0.41
N LEU A 29 2.59 8.41 -1.41
CA LEU A 29 2.70 7.98 -2.79
C LEU A 29 3.85 7.00 -2.96
N ILE A 30 5.05 7.42 -2.54
CA ILE A 30 6.24 6.59 -2.64
C ILE A 30 6.09 5.32 -1.80
N PHE A 31 5.56 5.48 -0.60
CA PHE A 31 5.40 4.36 0.33
C PHE A 31 4.36 3.36 -0.17
N LEU A 32 3.24 3.86 -0.67
CA LEU A 32 2.15 3.01 -1.12
C LEU A 32 2.55 2.28 -2.41
N LEU A 33 3.34 2.95 -3.25
CA LEU A 33 3.89 2.32 -4.44
C LEU A 33 4.64 1.04 -4.08
N GLU A 34 5.71 1.22 -3.33
CA GLU A 34 6.54 0.10 -2.88
C GLU A 34 5.73 -0.89 -2.04
N PHE A 35 4.74 -0.38 -1.32
CA PHE A 35 3.86 -1.23 -0.52
C PHE A 35 3.14 -2.25 -1.41
N LEU A 36 2.63 -1.80 -2.55
CA LEU A 36 1.93 -2.68 -3.48
C LEU A 36 2.90 -3.68 -4.10
N LEU A 37 4.17 -3.29 -4.18
CA LEU A 37 5.22 -4.17 -4.69
C LEU A 37 5.61 -5.20 -3.64
N ASP A 38 5.67 -4.74 -2.39
CA ASP A 38 6.01 -5.60 -1.27
C ASP A 38 4.89 -6.58 -0.97
N PHE A 39 3.68 -6.05 -0.93
CA PHE A 39 2.48 -6.86 -0.74
C PHE A 39 2.25 -7.75 -1.96
N CYS A 40 2.82 -7.31 -3.08
CA CYS A 40 2.72 -8.00 -4.36
C CYS A 40 1.27 -8.02 -4.84
N THR A 41 0.68 -6.84 -4.91
CA THR A 41 -0.70 -6.68 -5.36
C THR A 41 -0.83 -7.09 -6.83
N GLY A 42 0.19 -6.81 -7.61
CA GLY A 42 0.18 -7.19 -9.00
C GLY A 42 1.52 -6.97 -9.68
N GLU A 43 1.67 -5.85 -10.37
CA GLU A 43 2.88 -5.55 -11.09
C GLU A 43 4.00 -5.11 -10.15
N ASP A 44 5.15 -5.73 -10.30
CA ASP A 44 6.34 -5.34 -9.55
C ASP A 44 7.22 -4.46 -10.41
N SER A 45 7.68 -5.04 -11.51
CA SER A 45 8.50 -4.34 -12.49
C SER A 45 8.76 -5.24 -13.69
N VAL A 46 7.70 -5.58 -14.41
CA VAL A 46 7.82 -6.49 -15.55
C VAL A 46 8.50 -5.80 -16.73
N ASP A 47 8.44 -4.47 -16.72
CA ASP A 47 9.06 -3.69 -17.77
C ASP A 47 9.53 -2.35 -17.19
N GLY A 48 10.47 -2.45 -16.27
CA GLY A 48 11.03 -1.26 -15.66
C GLY A 48 12.34 -0.88 -16.31
N LYS A 49 12.39 -1.07 -17.62
CA LYS A 49 13.61 -0.85 -18.39
C LYS A 49 13.86 0.64 -18.60
N LYS A 50 12.78 1.38 -18.84
CA LYS A 50 12.86 2.82 -18.99
C LYS A 50 11.48 3.45 -18.76
N ARG A 51 10.63 3.39 -19.78
CA ARG A 51 9.28 3.90 -19.66
C ARG A 51 8.26 2.79 -19.91
N GLN A 52 7.61 2.35 -18.86
CA GLN A 52 6.52 1.40 -18.97
C GLN A 52 5.25 2.14 -19.36
N ARG A 53 5.19 3.40 -19.00
CA ARG A 53 4.05 4.25 -19.32
C ARG A 53 4.31 4.99 -20.63
N HIS A 54 4.66 4.22 -21.65
CA HIS A 54 4.90 4.74 -22.99
C HIS A 54 3.66 5.41 -23.54
N SER A 55 3.86 6.57 -24.19
CA SER A 55 2.78 7.32 -24.80
C SER A 55 1.83 7.89 -23.74
N GLY A 56 2.31 8.92 -23.04
CA GLY A 56 1.50 9.56 -22.04
C GLY A 56 1.20 11.00 -22.38
N LEU A 57 2.07 11.90 -21.93
CA LEU A 57 1.91 13.34 -22.17
C LEU A 57 0.56 13.81 -21.64
N THR A 58 0.44 13.86 -20.32
CA THR A 58 -0.81 14.26 -19.69
C THR A 58 -0.54 15.03 -18.40
N GLU A 59 0.66 15.59 -18.29
CA GLU A 59 1.04 16.34 -17.11
C GLU A 59 0.60 17.80 -17.25
N GLN A 60 0.65 18.52 -16.14
CA GLN A 60 0.26 19.93 -16.12
C GLN A 60 1.45 20.80 -16.46
N THR A 61 2.13 20.42 -17.53
CA THR A 61 3.31 21.13 -17.98
C THR A 61 2.93 22.42 -18.71
N TYR A 62 2.65 23.46 -17.93
CA TYR A 62 2.34 24.77 -18.47
C TYR A 62 3.62 25.62 -18.53
N SER A 63 3.48 26.89 -18.85
CA SER A 63 4.61 27.80 -18.90
C SER A 63 5.02 28.24 -17.50
N ALA A 64 5.32 27.27 -16.64
CA ALA A 64 5.73 27.54 -15.28
C ALA A 64 6.87 26.62 -14.88
N LEU A 65 7.92 26.65 -15.67
CA LEU A 65 9.08 25.79 -15.45
C LEU A 65 10.12 26.52 -14.59
N PRO A 66 10.79 25.80 -13.68
CA PRO A 66 11.83 26.37 -12.82
C PRO A 66 13.14 26.55 -13.57
N GLU A 67 13.09 27.28 -14.68
CA GLU A 67 14.28 27.54 -15.49
C GLU A 67 14.25 28.97 -16.02
N PRO A 68 15.43 29.62 -16.11
CA PRO A 68 15.53 30.98 -16.61
C PRO A 68 15.35 31.06 -18.13
N LYS A 69 14.70 32.11 -18.60
CA LYS A 69 14.49 32.31 -20.03
C LYS A 69 15.52 33.27 -20.59
N ALA A 70 16.31 33.85 -19.71
CA ALA A 70 17.30 34.84 -20.11
C ALA A 70 18.52 34.76 -19.21
N THR A 71 19.68 34.78 -19.83
CA THR A 71 20.94 34.74 -19.10
C THR A 71 21.29 36.13 -18.57
N MET A 1 6.35 31.65 29.03
CA MET A 1 6.96 30.47 28.38
C MET A 1 7.17 30.71 26.90
N VAL A 2 8.42 30.80 26.48
CA VAL A 2 8.75 30.99 25.07
C VAL A 2 8.86 29.64 24.37
N LEU A 3 9.04 28.59 25.15
CA LEU A 3 9.08 27.23 24.63
C LEU A 3 7.72 26.88 24.04
N ARG A 4 7.64 26.83 22.71
CA ARG A 4 6.38 26.57 22.04
C ARG A 4 6.56 25.53 20.95
N GLN A 5 7.28 25.90 19.89
CA GLN A 5 7.42 25.02 18.74
C GLN A 5 8.81 24.39 18.66
N LEU A 6 8.82 23.07 18.61
CA LEU A 6 10.05 22.32 18.47
C LEU A 6 10.04 21.53 17.15
N SER A 7 10.14 22.23 16.04
CA SER A 7 10.19 21.60 14.74
C SER A 7 11.61 21.65 14.19
N ARG A 8 12.01 22.83 13.72
CA ARG A 8 13.33 22.99 13.13
C ARG A 8 14.41 23.01 14.21
N LYS A 9 14.03 23.38 15.42
CA LYS A 9 14.96 23.38 16.55
C LYS A 9 15.05 21.99 17.17
N ALA A 10 14.22 21.08 16.67
CA ALA A 10 14.24 19.70 17.16
C ALA A 10 15.18 18.85 16.32
N SER A 11 15.30 19.20 15.05
CA SER A 11 16.15 18.47 14.14
C SER A 11 17.44 19.25 13.83
N VAL A 12 17.80 20.15 14.73
CA VAL A 12 19.02 20.93 14.56
C VAL A 12 20.22 20.10 14.98
N LYS A 13 21.31 20.23 14.23
CA LYS A 13 22.54 19.47 14.46
C LYS A 13 22.29 17.98 14.20
N VAL A 14 21.23 17.70 13.46
CA VAL A 14 20.88 16.33 13.13
C VAL A 14 21.05 16.10 11.64
N SER A 15 21.78 15.05 11.30
CA SER A 15 22.05 14.71 9.91
C SER A 15 20.78 14.17 9.24
N LYS A 16 20.83 14.03 7.93
CA LYS A 16 19.70 13.57 7.14
C LYS A 16 19.56 12.05 7.25
N THR A 17 19.31 11.57 8.45
CA THR A 17 19.18 10.15 8.70
C THR A 17 17.72 9.71 8.55
N TRP A 18 16.94 9.90 9.61
CA TRP A 18 15.52 9.54 9.58
C TRP A 18 14.66 10.79 9.53
N SER A 19 15.31 11.94 9.70
CA SER A 19 14.63 13.23 9.68
C SER A 19 13.79 13.41 8.41
N GLY A 20 14.41 13.17 7.26
CA GLY A 20 13.72 13.35 6.00
C GLY A 20 12.89 12.14 5.64
N THR A 21 13.10 11.05 6.35
CA THR A 21 12.36 9.82 6.13
C THR A 21 10.88 10.02 6.46
N LYS A 22 10.62 10.65 7.60
CA LYS A 22 9.25 10.86 8.06
C LYS A 22 8.57 11.97 7.26
N LYS A 23 9.34 12.59 6.38
CA LYS A 23 8.83 13.64 5.51
C LYS A 23 8.06 13.04 4.35
N ARG A 24 8.41 11.81 4.01
CA ARG A 24 7.80 11.11 2.87
C ARG A 24 6.32 10.86 3.11
N ALA A 25 5.90 11.02 4.35
CA ALA A 25 4.50 10.81 4.71
C ALA A 25 3.63 11.96 4.26
N GLN A 26 4.26 13.01 3.71
CA GLN A 26 3.54 14.11 3.11
C GLN A 26 2.87 13.65 1.83
N ARG A 27 3.50 12.66 1.19
CA ARG A 27 2.98 12.03 0.00
C ARG A 27 3.20 10.53 0.10
N ILE A 28 2.32 9.88 0.86
CA ILE A 28 2.42 8.45 1.15
C ILE A 28 2.39 7.60 -0.13
N LEU A 29 2.00 8.22 -1.22
CA LEU A 29 1.93 7.55 -2.52
C LEU A 29 3.22 6.82 -2.87
N ILE A 30 4.36 7.45 -2.63
CA ILE A 30 5.65 6.86 -2.95
C ILE A 30 5.92 5.68 -2.00
N PHE A 31 5.50 5.84 -0.75
CA PHE A 31 5.62 4.78 0.25
C PHE A 31 4.69 3.62 -0.12
N LEU A 32 3.55 3.97 -0.71
CA LEU A 32 2.57 2.99 -1.13
C LEU A 32 3.05 2.22 -2.36
N LEU A 33 3.78 2.91 -3.25
CA LEU A 33 4.32 2.29 -4.46
C LEU A 33 5.08 1.02 -4.12
N GLU A 34 6.16 1.19 -3.37
CA GLU A 34 7.00 0.07 -2.96
C GLU A 34 6.22 -0.92 -2.10
N PHE A 35 5.28 -0.41 -1.31
CA PHE A 35 4.47 -1.24 -0.45
C PHE A 35 3.61 -2.19 -1.27
N LEU A 36 3.12 -1.70 -2.40
CA LEU A 36 2.30 -2.51 -3.31
C LEU A 36 3.12 -3.63 -3.92
N LEU A 37 4.42 -3.40 -4.08
CA LEU A 37 5.31 -4.44 -4.59
C LEU A 37 5.52 -5.51 -3.54
N ASP A 38 5.66 -5.08 -2.29
CA ASP A 38 5.77 -6.00 -1.16
C ASP A 38 4.47 -6.79 -1.03
N PHE A 39 3.37 -6.06 -1.08
CA PHE A 39 2.04 -6.66 -1.02
C PHE A 39 1.83 -7.66 -2.15
N CYS A 40 2.33 -7.31 -3.34
CA CYS A 40 2.23 -8.19 -4.50
C CYS A 40 3.11 -9.42 -4.33
N THR A 41 4.14 -9.30 -3.51
CA THR A 41 5.03 -10.42 -3.25
C THR A 41 4.40 -11.37 -2.23
N GLY A 42 3.94 -10.82 -1.11
CA GLY A 42 3.30 -11.63 -0.10
C GLY A 42 1.87 -11.97 -0.48
N GLU A 43 1.65 -13.22 -0.88
CA GLU A 43 0.36 -13.66 -1.38
C GLU A 43 -0.75 -13.49 -0.35
N ASP A 44 -1.79 -12.80 -0.79
CA ASP A 44 -2.98 -12.60 0.01
C ASP A 44 -4.18 -13.15 -0.76
N SER A 45 -3.86 -13.75 -1.90
CA SER A 45 -4.87 -14.24 -2.83
C SER A 45 -5.36 -15.64 -2.44
N VAL A 46 -5.93 -15.75 -1.25
CA VAL A 46 -6.43 -17.03 -0.76
C VAL A 46 -7.93 -17.17 -1.02
N ASP A 47 -8.26 -17.63 -2.23
CA ASP A 47 -9.64 -17.79 -2.69
C ASP A 47 -10.32 -16.44 -2.87
N GLY A 48 -11.61 -16.49 -3.21
CA GLY A 48 -12.37 -15.26 -3.38
C GLY A 48 -12.54 -14.52 -2.08
N LYS A 49 -13.30 -15.12 -1.16
CA LYS A 49 -13.49 -14.57 0.19
C LYS A 49 -14.13 -13.18 0.14
N LYS A 50 -14.11 -12.50 1.27
CA LYS A 50 -14.51 -11.10 1.34
C LYS A 50 -13.38 -10.32 1.99
N ARG A 51 -13.27 -9.05 1.66
CA ARG A 51 -12.19 -8.22 2.19
C ARG A 51 -12.56 -7.70 3.56
N GLN A 52 -12.78 -8.63 4.48
CA GLN A 52 -13.21 -8.34 5.83
C GLN A 52 -12.18 -7.48 6.55
N ARG A 53 -10.93 -7.93 6.53
CA ARG A 53 -9.83 -7.24 7.18
C ARG A 53 -10.18 -6.87 8.63
N HIS A 54 -10.48 -7.88 9.43
CA HIS A 54 -10.81 -7.65 10.83
C HIS A 54 -9.56 -7.81 11.67
N SER A 55 -9.20 -6.76 12.39
CA SER A 55 -8.00 -6.77 13.20
C SER A 55 -8.35 -6.66 14.68
N GLY A 56 -7.62 -7.39 15.51
CA GLY A 56 -7.85 -7.35 16.93
C GLY A 56 -7.19 -6.13 17.57
N LEU A 57 -7.99 -5.14 17.91
CA LEU A 57 -7.48 -3.91 18.50
C LEU A 57 -8.29 -3.54 19.75
N THR A 58 -7.92 -4.12 20.88
CA THR A 58 -8.63 -3.86 22.12
C THR A 58 -7.67 -3.85 23.31
N GLU A 59 -6.56 -4.57 23.20
CA GLU A 59 -5.58 -4.65 24.28
C GLU A 59 -4.16 -4.54 23.72
N GLN A 60 -3.70 -3.32 23.53
CA GLN A 60 -2.36 -3.09 23.00
C GLN A 60 -1.44 -2.59 24.10
N THR A 61 -1.41 -3.33 25.19
CA THR A 61 -0.54 -3.01 26.30
C THR A 61 0.52 -4.10 26.48
N TYR A 62 1.60 -3.98 25.71
CA TYR A 62 2.71 -4.91 25.81
C TYR A 62 4.02 -4.14 25.66
N SER A 63 5.05 -4.60 26.35
CA SER A 63 6.36 -3.95 26.31
C SER A 63 7.04 -4.22 24.97
N ALA A 64 6.65 -3.46 23.96
CA ALA A 64 7.15 -3.62 22.61
C ALA A 64 7.02 -2.30 21.86
N LEU A 65 8.04 -1.46 22.00
CA LEU A 65 8.05 -0.14 21.39
C LEU A 65 7.86 -0.21 19.88
N PRO A 66 6.82 0.46 19.35
CA PRO A 66 6.60 0.58 17.92
C PRO A 66 7.58 1.57 17.30
N GLU A 67 8.83 1.12 17.16
CA GLU A 67 9.94 1.98 16.71
C GLU A 67 10.31 3.00 17.79
N PRO A 68 11.47 2.81 18.42
CA PRO A 68 11.95 3.65 19.54
C PRO A 68 11.99 5.13 19.19
N LYS A 69 11.40 5.93 20.09
CA LYS A 69 11.30 7.40 19.95
C LYS A 69 10.95 7.84 18.54
N ALA A 70 10.10 7.07 17.89
CA ALA A 70 9.64 7.39 16.55
C ALA A 70 8.12 7.53 16.51
N THR A 71 7.46 7.01 17.54
CA THR A 71 6.01 7.04 17.61
C THR A 71 5.55 7.76 18.88
N MET A 1 -20.14 13.83 -12.82
CA MET A 1 -19.14 14.09 -11.76
C MET A 1 -18.44 15.41 -12.03
N VAL A 2 -17.93 16.02 -10.97
CA VAL A 2 -17.24 17.29 -11.08
C VAL A 2 -15.81 17.19 -10.56
N LEU A 3 -14.85 17.44 -11.46
CA LEU A 3 -13.42 17.44 -11.12
C LEU A 3 -12.97 16.07 -10.61
N ARG A 4 -13.70 15.03 -11.00
CA ARG A 4 -13.39 13.68 -10.55
C ARG A 4 -12.60 12.95 -11.63
N GLN A 5 -11.37 13.40 -11.84
CA GLN A 5 -10.51 12.82 -12.87
C GLN A 5 -9.38 12.01 -12.25
N LEU A 6 -9.20 12.12 -10.95
CA LEU A 6 -8.10 11.45 -10.26
C LEU A 6 -8.45 10.00 -9.95
N SER A 7 -8.74 9.24 -10.99
CA SER A 7 -8.97 7.82 -10.85
C SER A 7 -7.83 7.04 -11.51
N ARG A 8 -7.94 6.82 -12.82
CA ARG A 8 -6.90 6.11 -13.55
C ARG A 8 -5.70 7.02 -13.80
N LYS A 9 -5.94 8.32 -13.68
CA LYS A 9 -4.88 9.31 -13.79
C LYS A 9 -4.10 9.40 -12.47
N ALA A 10 -4.71 8.89 -11.40
CA ALA A 10 -4.06 8.83 -10.10
C ALA A 10 -3.30 7.53 -9.96
N SER A 11 -3.80 6.49 -10.62
CA SER A 11 -3.11 5.21 -10.67
C SER A 11 -2.06 5.22 -11.78
N VAL A 12 -1.22 6.25 -11.76
CA VAL A 12 -0.19 6.41 -12.77
C VAL A 12 1.08 5.65 -12.39
N LYS A 13 1.58 4.86 -13.33
CA LYS A 13 2.77 4.07 -13.10
C LYS A 13 3.71 4.19 -14.30
N VAL A 14 3.38 5.08 -15.22
CA VAL A 14 4.21 5.31 -16.39
C VAL A 14 5.02 6.59 -16.20
N SER A 15 6.30 6.53 -16.56
CA SER A 15 7.20 7.66 -16.47
C SER A 15 7.32 8.16 -15.03
N LYS A 16 7.54 7.21 -14.12
CA LYS A 16 7.64 7.50 -12.69
C LYS A 16 8.96 8.21 -12.35
N THR A 17 9.28 9.22 -13.11
CA THR A 17 10.50 9.96 -12.90
C THR A 17 10.20 11.37 -12.39
N TRP A 18 9.05 11.91 -12.76
CA TRP A 18 8.70 13.27 -12.40
C TRP A 18 7.19 13.45 -12.24
N SER A 19 6.50 12.36 -11.95
CA SER A 19 5.05 12.39 -11.79
C SER A 19 4.64 12.88 -10.40
N GLY A 20 4.98 14.14 -10.11
CA GLY A 20 4.67 14.71 -8.81
C GLY A 20 5.34 13.98 -7.68
N THR A 21 6.50 13.41 -7.95
CA THR A 21 7.15 12.52 -7.01
C THR A 21 7.94 13.29 -5.94
N LYS A 22 8.43 14.47 -6.30
CA LYS A 22 9.31 15.22 -5.41
C LYS A 22 8.56 15.86 -4.24
N LYS A 23 7.27 16.10 -4.41
CA LYS A 23 6.49 16.74 -3.37
C LYS A 23 5.25 15.94 -3.01
N ARG A 24 4.47 15.58 -4.01
CA ARG A 24 3.20 14.89 -3.77
C ARG A 24 3.43 13.45 -3.36
N ALA A 25 4.12 12.71 -4.21
CA ALA A 25 4.29 11.28 -4.01
C ALA A 25 5.13 10.96 -2.78
N GLN A 26 6.09 11.83 -2.45
CA GLN A 26 7.01 11.59 -1.34
C GLN A 26 6.25 11.41 -0.03
N ARG A 27 5.05 11.96 0.03
CA ARG A 27 4.25 11.92 1.25
C ARG A 27 3.64 10.55 1.47
N ILE A 28 2.87 10.07 0.50
CA ILE A 28 2.16 8.80 0.63
C ILE A 28 2.47 7.83 -0.50
N LEU A 29 2.41 8.32 -1.73
CA LEU A 29 2.50 7.45 -2.91
C LEU A 29 3.79 6.63 -2.91
N ILE A 30 4.91 7.27 -2.59
CA ILE A 30 6.20 6.57 -2.56
C ILE A 30 6.13 5.37 -1.63
N PHE A 31 5.49 5.56 -0.49
CA PHE A 31 5.29 4.47 0.47
C PHE A 31 4.37 3.41 -0.12
N LEU A 32 3.20 3.85 -0.58
CA LEU A 32 2.20 2.95 -1.16
C LEU A 32 2.75 2.16 -2.34
N LEU A 33 3.63 2.78 -3.12
CA LEU A 33 4.25 2.11 -4.26
C LEU A 33 4.99 0.86 -3.82
N GLU A 34 6.05 1.07 -3.05
CA GLU A 34 6.88 -0.03 -2.57
C GLU A 34 6.09 -0.96 -1.66
N PHE A 35 5.10 -0.42 -0.97
CA PHE A 35 4.20 -1.24 -0.15
C PHE A 35 3.41 -2.19 -1.03
N LEU A 36 2.74 -1.64 -2.05
CA LEU A 36 1.96 -2.45 -2.99
C LEU A 36 2.89 -3.42 -3.72
N LEU A 37 4.05 -2.92 -4.11
CA LEU A 37 5.06 -3.71 -4.78
C LEU A 37 5.40 -4.94 -3.93
N ASP A 38 5.81 -4.69 -2.69
CA ASP A 38 6.17 -5.77 -1.75
C ASP A 38 4.98 -6.68 -1.50
N PHE A 39 3.82 -6.06 -1.36
CA PHE A 39 2.57 -6.77 -1.11
C PHE A 39 2.30 -7.85 -2.16
N CYS A 40 2.48 -7.52 -3.42
CA CYS A 40 2.15 -8.43 -4.50
C CYS A 40 3.37 -9.20 -5.01
N THR A 41 4.52 -8.55 -5.01
CA THR A 41 5.72 -9.13 -5.58
C THR A 41 6.87 -9.06 -4.57
N GLY A 42 7.80 -10.00 -4.69
CA GLY A 42 8.95 -10.00 -3.81
C GLY A 42 10.23 -9.93 -4.59
N GLU A 43 11.32 -9.57 -3.91
CA GLU A 43 12.62 -9.47 -4.55
C GLU A 43 13.03 -10.81 -5.17
N ASP A 44 13.47 -10.74 -6.42
CA ASP A 44 13.92 -11.93 -7.14
C ASP A 44 15.33 -12.30 -6.68
N SER A 45 16.07 -11.29 -6.25
CA SER A 45 17.38 -11.46 -5.63
C SER A 45 18.28 -12.41 -6.41
N VAL A 46 18.52 -12.07 -7.67
CA VAL A 46 19.51 -12.79 -8.48
C VAL A 46 20.73 -11.89 -8.66
N ASP A 47 20.55 -10.62 -8.28
CA ASP A 47 21.61 -9.61 -8.30
C ASP A 47 22.03 -9.28 -9.72
N GLY A 48 23.17 -8.60 -9.85
CA GLY A 48 23.65 -8.19 -11.16
C GLY A 48 23.15 -6.81 -11.53
N LYS A 49 22.15 -6.34 -10.79
CA LYS A 49 21.56 -5.04 -11.05
C LYS A 49 21.29 -4.29 -9.74
N LYS A 50 22.35 -3.93 -9.04
CA LYS A 50 22.22 -3.20 -7.80
C LYS A 50 22.23 -1.70 -8.06
N ARG A 51 23.39 -1.18 -8.45
CA ARG A 51 23.58 0.25 -8.70
C ARG A 51 23.24 1.05 -7.44
N GLN A 52 24.15 0.95 -6.46
CA GLN A 52 23.94 1.41 -5.09
C GLN A 52 23.23 2.75 -5.01
N ARG A 53 23.94 3.82 -5.33
CA ARG A 53 23.38 5.16 -5.24
C ARG A 53 22.97 5.66 -6.60
N HIS A 54 22.33 4.79 -7.36
CA HIS A 54 21.80 5.13 -8.68
C HIS A 54 20.40 4.59 -8.82
N SER A 55 20.25 3.28 -8.64
CA SER A 55 18.94 2.65 -8.70
C SER A 55 18.45 2.36 -7.29
N GLY A 56 19.30 1.76 -6.49
CA GLY A 56 18.93 1.41 -5.13
C GLY A 56 19.93 0.47 -4.52
N LEU A 57 20.02 0.49 -3.20
CA LEU A 57 20.98 -0.34 -2.50
C LEU A 57 20.29 -1.51 -1.82
N THR A 58 18.95 -1.46 -1.79
CA THR A 58 18.13 -2.51 -1.22
C THR A 58 18.47 -2.75 0.26
N GLU A 59 18.98 -1.72 0.91
CA GLU A 59 19.35 -1.80 2.31
C GLU A 59 18.29 -1.12 3.15
N GLN A 60 17.97 -1.74 4.28
CA GLN A 60 16.96 -1.22 5.18
C GLN A 60 17.62 -0.57 6.38
N THR A 61 18.56 0.31 6.11
CA THR A 61 19.30 0.99 7.15
C THR A 61 18.57 2.27 7.58
N TYR A 62 17.49 2.10 8.33
CA TYR A 62 16.74 3.24 8.84
C TYR A 62 17.40 3.77 10.10
N SER A 63 18.50 4.46 9.89
CA SER A 63 19.32 4.99 10.96
C SER A 63 20.41 5.90 10.40
N ALA A 64 20.93 5.50 9.25
CA ALA A 64 22.02 6.24 8.63
C ALA A 64 21.60 6.74 7.25
N LEU A 65 20.67 7.67 7.25
CA LEU A 65 20.19 8.27 6.01
C LEU A 65 19.73 9.70 6.26
N PRO A 66 20.37 10.69 5.61
CA PRO A 66 19.97 12.09 5.73
C PRO A 66 18.72 12.39 4.92
N GLU A 67 17.67 11.63 5.18
CA GLU A 67 16.42 11.74 4.45
C GLU A 67 15.35 12.36 5.34
N PRO A 68 15.03 13.65 5.12
CA PRO A 68 13.99 14.35 5.88
C PRO A 68 12.60 13.85 5.50
N LYS A 69 12.17 12.80 6.18
CA LYS A 69 10.85 12.23 5.93
C LYS A 69 10.11 11.97 7.24
N ALA A 70 10.50 12.73 8.27
CA ALA A 70 9.86 12.66 9.59
C ALA A 70 9.93 11.25 10.17
N THR A 71 11.09 10.63 10.05
CA THR A 71 11.31 9.30 10.60
C THR A 71 12.32 9.36 11.74
N MET A 1 -8.94 16.27 -12.75
CA MET A 1 -7.69 16.20 -13.54
C MET A 1 -7.77 15.08 -14.57
N VAL A 2 -8.24 15.41 -15.76
CA VAL A 2 -8.38 14.41 -16.82
C VAL A 2 -7.04 14.16 -17.50
N LEU A 3 -6.55 15.15 -18.25
CA LEU A 3 -5.29 15.01 -18.95
C LEU A 3 -4.57 16.36 -19.02
N ARG A 4 -3.33 16.39 -18.57
CA ARG A 4 -2.50 17.58 -18.68
C ARG A 4 -1.36 17.34 -19.66
N GLN A 5 -1.40 18.03 -20.79
CA GLN A 5 -0.36 17.89 -21.81
C GLN A 5 0.87 18.69 -21.41
N LEU A 6 2.03 18.18 -21.79
CA LEU A 6 3.29 18.84 -21.49
C LEU A 6 3.81 19.55 -22.72
N SER A 7 2.91 20.17 -23.47
CA SER A 7 3.26 20.88 -24.70
C SER A 7 4.00 22.17 -24.36
N ARG A 8 3.79 22.66 -23.15
CA ARG A 8 4.42 23.87 -22.67
C ARG A 8 5.90 23.67 -22.38
N LYS A 9 6.32 22.41 -22.29
CA LYS A 9 7.72 22.07 -22.04
C LYS A 9 8.57 22.34 -23.27
N ALA A 10 8.71 23.61 -23.60
CA ALA A 10 9.47 24.06 -24.76
C ALA A 10 9.63 25.57 -24.70
N SER A 11 8.61 26.24 -24.17
CA SER A 11 8.63 27.68 -24.00
C SER A 11 7.81 28.05 -22.77
N VAL A 12 8.02 27.34 -21.67
CA VAL A 12 7.24 27.54 -20.47
C VAL A 12 7.68 28.82 -19.75
N LYS A 13 6.70 29.55 -19.24
CA LYS A 13 6.95 30.81 -18.55
C LYS A 13 6.52 30.73 -17.10
N VAL A 14 5.83 29.66 -16.75
CA VAL A 14 5.39 29.46 -15.39
C VAL A 14 6.33 28.51 -14.66
N SER A 15 6.49 28.72 -13.38
CA SER A 15 7.38 27.90 -12.58
C SER A 15 6.58 26.97 -11.67
N LYS A 16 6.57 25.68 -12.02
CA LYS A 16 5.86 24.68 -11.26
C LYS A 16 6.83 23.63 -10.76
N THR A 17 6.52 23.07 -9.60
CA THR A 17 7.30 21.99 -9.04
C THR A 17 6.66 20.66 -9.39
N TRP A 18 7.08 19.60 -8.71
CA TRP A 18 6.49 18.29 -8.93
C TRP A 18 5.28 18.09 -8.02
N SER A 19 4.67 19.21 -7.63
CA SER A 19 3.42 19.22 -6.87
C SER A 19 3.63 18.78 -5.41
N GLY A 20 3.89 17.49 -5.20
CA GLY A 20 4.05 16.99 -3.86
C GLY A 20 5.47 16.54 -3.58
N THR A 21 6.42 17.14 -4.28
CA THR A 21 7.82 16.79 -4.14
C THR A 21 8.38 17.34 -2.84
N LYS A 22 7.65 18.25 -2.22
CA LYS A 22 7.99 18.75 -0.89
C LYS A 22 7.57 17.72 0.16
N LYS A 23 7.54 16.45 -0.25
CA LYS A 23 7.26 15.34 0.64
C LYS A 23 5.82 15.39 1.16
N ARG A 24 4.95 15.98 0.37
CA ARG A 24 3.55 16.09 0.75
C ARG A 24 2.77 14.87 0.29
N ALA A 25 2.57 14.76 -1.02
CA ALA A 25 1.88 13.61 -1.58
C ALA A 25 2.81 12.41 -1.66
N GLN A 26 4.10 12.69 -1.88
CA GLN A 26 5.09 11.64 -2.09
C GLN A 26 5.33 10.80 -0.84
N ARG A 27 5.10 11.36 0.34
CA ARG A 27 5.31 10.59 1.57
C ARG A 27 4.28 9.48 1.68
N ILE A 28 3.21 9.60 0.89
CA ILE A 28 2.21 8.55 0.78
C ILE A 28 2.40 7.80 -0.53
N LEU A 29 2.55 8.55 -1.62
CA LEU A 29 2.69 7.99 -2.95
C LEU A 29 3.83 6.97 -3.02
N ILE A 30 4.98 7.35 -2.50
CA ILE A 30 6.15 6.48 -2.53
C ILE A 30 5.96 5.29 -1.58
N PHE A 31 5.37 5.57 -0.41
CA PHE A 31 5.11 4.53 0.58
C PHE A 31 4.17 3.48 0.01
N LEU A 32 3.13 3.93 -0.67
CA LEU A 32 2.14 3.05 -1.25
C LEU A 32 2.72 2.23 -2.40
N LEU A 33 3.54 2.85 -3.24
CA LEU A 33 4.06 2.16 -4.41
C LEU A 33 4.99 1.02 -4.01
N GLU A 34 5.85 1.27 -3.02
CA GLU A 34 6.78 0.25 -2.57
C GLU A 34 6.05 -0.83 -1.79
N PHE A 35 5.05 -0.42 -1.01
CA PHE A 35 4.26 -1.35 -0.23
C PHE A 35 3.49 -2.29 -1.14
N LEU A 36 2.87 -1.73 -2.17
CA LEU A 36 2.12 -2.51 -3.14
C LEU A 36 3.02 -3.50 -3.87
N LEU A 37 4.23 -3.08 -4.18
CA LEU A 37 5.19 -3.94 -4.87
C LEU A 37 5.53 -5.15 -4.01
N ASP A 38 5.84 -4.89 -2.75
CA ASP A 38 6.20 -5.95 -1.81
C ASP A 38 5.00 -6.83 -1.50
N PHE A 39 3.88 -6.20 -1.23
CA PHE A 39 2.64 -6.90 -0.90
C PHE A 39 2.27 -7.91 -1.97
N CYS A 40 2.38 -7.51 -3.23
CA CYS A 40 2.03 -8.39 -4.33
C CYS A 40 3.14 -9.42 -4.59
N THR A 41 4.33 -8.94 -4.95
CA THR A 41 5.44 -9.82 -5.22
C THR A 41 6.33 -9.98 -4.00
N GLY A 42 6.28 -11.16 -3.42
CA GLY A 42 7.08 -11.44 -2.24
C GLY A 42 7.59 -12.86 -2.25
N GLU A 43 8.14 -13.25 -3.39
CA GLU A 43 8.67 -14.60 -3.58
C GLU A 43 9.91 -14.81 -2.71
N ASP A 44 10.69 -13.75 -2.56
CA ASP A 44 11.91 -13.79 -1.77
C ASP A 44 11.61 -14.09 -0.31
N SER A 45 10.45 -13.65 0.16
CA SER A 45 10.05 -13.85 1.53
C SER A 45 8.76 -14.66 1.62
N VAL A 46 8.61 -15.64 0.73
CA VAL A 46 7.43 -16.49 0.74
C VAL A 46 7.53 -17.49 1.89
N ASP A 47 8.75 -17.82 2.25
CA ASP A 47 9.01 -18.67 3.40
C ASP A 47 8.83 -17.88 4.68
N GLY A 48 8.22 -18.50 5.69
CA GLY A 48 7.89 -17.79 6.91
C GLY A 48 9.03 -17.74 7.90
N LYS A 49 10.18 -18.29 7.52
CA LYS A 49 11.35 -18.34 8.40
C LYS A 49 11.00 -19.02 9.72
N LYS A 50 10.41 -20.21 9.60
CA LYS A 50 9.92 -20.96 10.75
C LYS A 50 11.00 -21.15 11.82
N ARG A 51 12.16 -21.66 11.40
CA ARG A 51 13.27 -21.93 12.32
C ARG A 51 13.76 -20.65 13.01
N GLN A 52 13.43 -19.50 12.43
CA GLN A 52 13.83 -18.22 13.00
C GLN A 52 12.65 -17.55 13.69
N ARG A 53 11.53 -18.27 13.73
CA ARG A 53 10.26 -17.75 14.24
C ARG A 53 9.95 -16.39 13.62
N HIS A 54 10.15 -16.32 12.31
CA HIS A 54 9.90 -15.13 11.49
C HIS A 54 10.97 -14.07 11.69
N SER A 55 11.06 -13.53 12.89
CA SER A 55 11.97 -12.43 13.17
C SER A 55 13.05 -12.84 14.16
N GLY A 56 14.26 -13.04 13.65
CA GLY A 56 15.39 -13.38 14.50
C GLY A 56 15.33 -14.80 15.00
N LEU A 57 14.73 -14.98 16.16
CA LEU A 57 14.55 -16.30 16.75
C LEU A 57 13.57 -16.24 17.91
N THR A 58 13.57 -15.11 18.63
CA THR A 58 12.67 -14.84 19.76
C THR A 58 12.48 -16.08 20.64
N GLU A 59 13.48 -16.34 21.47
CA GLU A 59 13.48 -17.50 22.35
C GLU A 59 12.49 -17.34 23.52
N GLN A 60 11.24 -17.05 23.19
CA GLN A 60 10.18 -16.96 24.18
C GLN A 60 9.54 -18.33 24.37
N THR A 61 10.40 -19.33 24.44
CA THR A 61 9.98 -20.72 24.52
C THR A 61 10.74 -21.39 25.66
N TYR A 62 10.29 -22.56 26.08
CA TYR A 62 10.95 -23.28 27.15
C TYR A 62 11.25 -24.72 26.73
N SER A 63 12.47 -25.14 26.98
CA SER A 63 12.86 -26.51 26.74
C SER A 63 13.31 -27.12 28.06
N ALA A 64 12.74 -28.27 28.40
CA ALA A 64 13.09 -28.97 29.64
C ALA A 64 14.44 -29.66 29.47
N LEU A 65 14.83 -29.83 28.22
CA LEU A 65 16.13 -30.38 27.89
C LEU A 65 16.89 -29.39 27.01
N PRO A 66 17.52 -28.37 27.61
CA PRO A 66 18.27 -27.36 26.88
C PRO A 66 19.56 -27.95 26.31
N GLU A 67 19.47 -28.44 25.07
CA GLU A 67 20.58 -29.12 24.42
C GLU A 67 21.07 -30.30 25.26
N PRO A 68 20.32 -31.42 25.24
CA PRO A 68 20.62 -32.60 26.06
C PRO A 68 21.78 -33.41 25.50
N LYS A 69 22.98 -32.84 25.52
CA LYS A 69 24.16 -33.51 25.02
C LYS A 69 24.79 -34.38 26.11
N ALA A 70 25.02 -33.79 27.27
CA ALA A 70 25.63 -34.47 28.41
C ALA A 70 25.75 -33.50 29.59
N THR A 71 25.46 -33.98 30.78
CA THR A 71 25.60 -33.17 31.98
C THR A 71 26.00 -34.04 33.17
N MET A 1 -20.28 -13.83 2.99
CA MET A 1 -20.34 -12.35 2.90
C MET A 1 -20.75 -11.92 1.51
N VAL A 2 -21.86 -11.22 1.42
CA VAL A 2 -22.37 -10.75 0.14
C VAL A 2 -22.89 -9.32 0.28
N LEU A 3 -22.48 -8.46 -0.63
CA LEU A 3 -22.91 -7.06 -0.61
C LEU A 3 -22.98 -6.52 -2.03
N ARG A 4 -23.97 -5.70 -2.30
CA ARG A 4 -24.16 -5.13 -3.63
C ARG A 4 -24.27 -3.62 -3.56
N GLN A 5 -23.24 -2.99 -3.00
CA GLN A 5 -23.21 -1.54 -2.89
C GLN A 5 -21.79 -1.04 -3.11
N LEU A 6 -21.63 0.27 -3.26
CA LEU A 6 -20.32 0.84 -3.50
C LEU A 6 -19.41 0.66 -2.29
N SER A 7 -20.03 0.69 -1.11
CA SER A 7 -19.35 0.52 0.17
C SER A 7 -18.12 1.42 0.31
N ARG A 8 -16.95 0.86 0.05
CA ARG A 8 -15.69 1.60 0.20
C ARG A 8 -15.44 2.53 -0.98
N LYS A 9 -16.24 2.37 -2.02
CA LYS A 9 -16.16 3.24 -3.19
C LYS A 9 -17.04 4.48 -2.98
N ALA A 10 -17.82 4.48 -1.92
CA ALA A 10 -18.71 5.59 -1.62
C ALA A 10 -18.42 6.15 -0.25
N SER A 11 -18.64 5.33 0.77
CA SER A 11 -18.42 5.74 2.15
C SER A 11 -16.97 5.51 2.54
N VAL A 12 -16.07 6.07 1.76
CA VAL A 12 -14.64 5.90 1.97
C VAL A 12 -14.08 7.04 2.80
N LYS A 13 -13.36 6.67 3.84
CA LYS A 13 -12.76 7.66 4.74
C LYS A 13 -11.42 8.13 4.20
N VAL A 14 -10.75 7.25 3.46
CA VAL A 14 -9.45 7.57 2.90
C VAL A 14 -9.56 7.96 1.43
N SER A 15 -9.86 9.22 1.22
CA SER A 15 -10.00 9.77 -0.12
C SER A 15 -9.80 11.28 -0.06
N LYS A 16 -8.57 11.68 0.20
CA LYS A 16 -8.24 13.09 0.33
C LYS A 16 -6.86 13.35 -0.25
N THR A 17 -6.78 13.40 -1.57
CA THR A 17 -5.50 13.58 -2.25
C THR A 17 -5.43 14.94 -2.94
N TRP A 18 -6.57 15.50 -3.29
CA TRP A 18 -6.60 16.75 -4.04
C TRP A 18 -6.39 17.94 -3.12
N SER A 19 -6.41 17.69 -1.83
CA SER A 19 -6.14 18.70 -0.83
C SER A 19 -4.64 19.03 -0.82
N GLY A 20 -3.85 18.07 -1.24
CA GLY A 20 -2.41 18.23 -1.29
C GLY A 20 -1.79 17.13 -2.11
N THR A 21 -2.07 17.15 -3.40
CA THR A 21 -1.71 16.05 -4.28
C THR A 21 -0.21 15.83 -4.35
N LYS A 22 0.50 16.75 -4.99
CA LYS A 22 1.95 16.62 -5.14
C LYS A 22 2.61 16.67 -3.76
N LYS A 23 1.90 17.27 -2.82
CA LYS A 23 2.40 17.43 -1.47
C LYS A 23 2.46 16.09 -0.73
N ARG A 24 1.40 15.31 -0.83
CA ARG A 24 1.35 14.04 -0.12
C ARG A 24 1.91 12.91 -1.00
N ALA A 25 1.81 13.09 -2.32
CA ALA A 25 2.25 12.06 -3.26
C ALA A 25 3.77 11.94 -3.25
N GLN A 26 4.44 12.96 -2.76
CA GLN A 26 5.89 12.99 -2.73
C GLN A 26 6.43 12.09 -1.62
N ARG A 27 5.53 11.63 -0.74
CA ARG A 27 5.93 10.74 0.34
C ARG A 27 4.98 9.54 0.45
N ILE A 28 3.69 9.80 0.60
CA ILE A 28 2.70 8.75 0.80
C ILE A 28 2.61 7.83 -0.41
N LEU A 29 2.37 8.42 -1.58
CA LEU A 29 2.19 7.62 -2.79
C LEU A 29 3.47 6.87 -3.15
N ILE A 30 4.60 7.39 -2.69
CA ILE A 30 5.87 6.69 -2.88
C ILE A 30 5.94 5.48 -1.94
N PHE A 31 5.48 5.70 -0.70
CA PHE A 31 5.41 4.63 0.29
C PHE A 31 4.38 3.58 -0.12
N LEU A 32 3.31 4.04 -0.75
CA LEU A 32 2.26 3.16 -1.22
C LEU A 32 2.75 2.30 -2.39
N LEU A 33 3.69 2.83 -3.16
CA LEU A 33 4.31 2.06 -4.25
C LEU A 33 4.99 0.83 -3.70
N GLU A 34 6.01 1.06 -2.89
CA GLU A 34 6.80 -0.01 -2.30
C GLU A 34 5.95 -0.96 -1.47
N PHE A 35 4.89 -0.45 -0.86
CA PHE A 35 3.98 -1.29 -0.10
C PHE A 35 3.24 -2.26 -1.01
N LEU A 36 2.73 -1.74 -2.13
CA LEU A 36 2.06 -2.58 -3.12
C LEU A 36 3.03 -3.56 -3.76
N LEU A 37 4.22 -3.07 -4.09
CA LEU A 37 5.27 -3.92 -4.68
C LEU A 37 5.62 -5.07 -3.75
N ASP A 38 5.78 -4.75 -2.47
CA ASP A 38 6.06 -5.74 -1.45
C ASP A 38 4.91 -6.73 -1.33
N PHE A 39 3.70 -6.19 -1.28
CA PHE A 39 2.49 -6.99 -1.21
C PHE A 39 2.44 -8.03 -2.34
N CYS A 40 2.32 -7.54 -3.57
CA CYS A 40 2.22 -8.41 -4.75
C CYS A 40 2.14 -7.56 -6.01
N THR A 41 3.11 -6.65 -6.16
CA THR A 41 3.11 -5.67 -7.24
C THR A 41 2.04 -4.60 -6.99
N GLY A 42 0.82 -5.05 -6.75
CA GLY A 42 -0.28 -4.16 -6.46
C GLY A 42 -1.52 -4.96 -6.16
N GLU A 43 -2.64 -4.28 -5.93
CA GLU A 43 -3.88 -4.97 -5.69
C GLU A 43 -4.69 -5.05 -6.98
N ASP A 44 -5.05 -6.25 -7.36
CA ASP A 44 -5.81 -6.48 -8.59
C ASP A 44 -7.12 -7.15 -8.29
N SER A 45 -7.11 -8.07 -7.33
CA SER A 45 -8.31 -8.82 -6.96
C SER A 45 -8.87 -9.56 -8.18
N VAL A 46 -8.07 -10.48 -8.71
CA VAL A 46 -8.49 -11.29 -9.84
C VAL A 46 -9.54 -12.28 -9.38
N ASP A 47 -9.37 -12.75 -8.15
CA ASP A 47 -10.34 -13.60 -7.51
C ASP A 47 -11.05 -12.83 -6.42
N GLY A 48 -12.28 -13.20 -6.12
CA GLY A 48 -13.03 -12.50 -5.10
C GLY A 48 -13.28 -13.37 -3.89
N LYS A 49 -12.22 -13.92 -3.32
CA LYS A 49 -12.32 -14.75 -2.12
C LYS A 49 -12.91 -13.94 -0.97
N LYS A 50 -13.97 -14.46 -0.38
CA LYS A 50 -14.67 -13.78 0.69
C LYS A 50 -14.73 -14.64 1.93
N ARG A 51 -15.52 -14.19 2.90
CA ARG A 51 -15.67 -14.90 4.16
C ARG A 51 -17.03 -15.56 4.24
N GLN A 52 -17.05 -16.87 4.22
CA GLN A 52 -18.30 -17.62 4.26
C GLN A 52 -18.92 -17.53 5.65
N ARG A 53 -18.05 -17.65 6.65
CA ARG A 53 -18.43 -17.53 8.06
C ARG A 53 -19.40 -18.64 8.49
N HIS A 54 -19.59 -19.62 7.63
CA HIS A 54 -20.45 -20.75 7.92
C HIS A 54 -19.84 -22.03 7.37
N SER A 55 -18.60 -21.95 6.94
CA SER A 55 -17.92 -23.07 6.32
C SER A 55 -16.62 -23.39 7.05
N GLY A 56 -16.71 -24.31 8.00
CA GLY A 56 -15.53 -24.73 8.72
C GLY A 56 -14.64 -25.62 7.87
N LEU A 57 -14.66 -26.91 8.18
CA LEU A 57 -13.87 -27.91 7.46
C LEU A 57 -12.43 -27.45 7.29
N THR A 58 -11.76 -27.34 8.42
CA THR A 58 -10.39 -26.89 8.46
C THR A 58 -9.69 -27.49 9.68
N GLU A 59 -9.61 -28.82 9.68
CA GLU A 59 -9.09 -29.58 10.80
C GLU A 59 -9.92 -29.35 12.06
N GLN A 60 -11.18 -29.74 11.98
CA GLN A 60 -12.10 -29.62 13.10
C GLN A 60 -12.79 -30.95 13.36
N THR A 61 -12.00 -31.99 13.43
CA THR A 61 -12.52 -33.33 13.63
C THR A 61 -12.66 -33.63 15.12
N TYR A 62 -13.90 -33.74 15.58
CA TYR A 62 -14.18 -34.15 16.94
C TYR A 62 -13.55 -35.52 17.21
N SER A 63 -12.58 -35.56 18.10
CA SER A 63 -11.89 -36.80 18.42
C SER A 63 -12.70 -37.63 19.41
N ALA A 64 -13.86 -38.06 18.95
CA ALA A 64 -14.76 -38.88 19.75
C ALA A 64 -15.26 -40.06 18.93
N LEU A 65 -14.32 -40.69 18.23
CA LEU A 65 -14.65 -41.80 17.36
C LEU A 65 -14.60 -43.10 18.14
N PRO A 66 -15.70 -43.87 18.14
CA PRO A 66 -15.74 -45.21 18.75
C PRO A 66 -14.73 -46.14 18.08
N GLU A 67 -13.90 -46.80 18.90
CA GLU A 67 -12.85 -47.67 18.39
C GLU A 67 -13.43 -48.78 17.51
N PRO A 68 -12.88 -48.94 16.29
CA PRO A 68 -13.28 -50.01 15.37
C PRO A 68 -13.06 -51.38 15.96
N LYS A 69 -14.13 -51.99 16.45
CA LYS A 69 -14.07 -53.30 17.07
C LYS A 69 -14.83 -54.33 16.24
N ALA A 70 -15.14 -53.94 15.02
CA ALA A 70 -15.86 -54.80 14.09
C ALA A 70 -15.38 -54.58 12.68
N THR A 71 -14.56 -55.50 12.19
CA THR A 71 -14.03 -55.40 10.85
C THR A 71 -15.08 -55.79 9.82
N MET A 1 -15.28 -9.94 -0.55
CA MET A 1 -15.53 -9.38 0.79
C MET A 1 -14.54 -8.27 1.09
N VAL A 2 -14.68 -7.16 0.37
CA VAL A 2 -13.77 -6.03 0.52
C VAL A 2 -14.54 -4.75 0.74
N LEU A 3 -15.53 -4.49 -0.11
CA LEU A 3 -16.33 -3.28 -0.02
C LEU A 3 -17.32 -3.39 1.14
N ARG A 4 -17.14 -2.56 2.15
CA ARG A 4 -18.01 -2.57 3.32
C ARG A 4 -18.63 -1.19 3.54
N GLN A 5 -17.80 -0.20 3.77
CA GLN A 5 -18.27 1.15 4.02
C GLN A 5 -17.52 2.15 3.13
N LEU A 6 -16.23 2.28 3.38
CA LEU A 6 -15.40 3.23 2.66
C LEU A 6 -14.01 2.64 2.39
N SER A 7 -13.98 1.34 2.16
CA SER A 7 -12.74 0.59 1.97
C SER A 7 -11.82 1.28 0.96
N ARG A 8 -12.32 1.55 -0.24
CA ARG A 8 -11.53 2.21 -1.26
C ARG A 8 -11.85 3.70 -1.31
N LYS A 9 -13.00 4.07 -0.78
CA LYS A 9 -13.45 5.47 -0.75
C LYS A 9 -12.45 6.36 -0.03
N ALA A 10 -11.75 5.80 0.95
CA ALA A 10 -10.80 6.57 1.75
C ALA A 10 -9.47 6.72 1.01
N SER A 11 -9.33 6.07 -0.14
CA SER A 11 -8.09 6.09 -0.88
C SER A 11 -8.33 6.44 -2.35
N VAL A 12 -9.47 7.08 -2.63
CA VAL A 12 -9.76 7.54 -3.98
C VAL A 12 -8.92 8.77 -4.30
N LYS A 13 -9.03 9.78 -3.46
CA LYS A 13 -8.22 10.97 -3.58
C LYS A 13 -7.49 11.21 -2.27
N VAL A 14 -8.24 11.45 -1.21
CA VAL A 14 -7.67 11.68 0.11
C VAL A 14 -8.80 11.75 1.14
N SER A 15 -8.48 11.44 2.38
CA SER A 15 -9.46 11.50 3.45
C SER A 15 -8.88 12.26 4.63
N LYS A 16 -9.05 13.59 4.60
CA LYS A 16 -8.56 14.49 5.65
C LYS A 16 -7.04 14.57 5.64
N THR A 17 -6.52 15.54 6.38
CA THR A 17 -5.08 15.74 6.54
C THR A 17 -4.44 16.35 5.28
N TRP A 18 -5.23 16.48 4.21
CA TRP A 18 -4.74 17.02 2.94
C TRP A 18 -4.48 18.52 3.05
N SER A 19 -4.85 19.09 4.19
CA SER A 19 -4.69 20.51 4.43
C SER A 19 -3.23 20.86 4.72
N GLY A 20 -2.43 19.87 5.09
CA GLY A 20 -1.02 20.09 5.34
C GLY A 20 -0.26 18.79 5.38
N THR A 21 -0.82 17.82 6.10
CA THR A 21 -0.33 16.44 6.19
C THR A 21 1.13 16.32 6.67
N LYS A 22 1.75 17.45 7.00
CA LYS A 22 3.15 17.46 7.41
C LYS A 22 4.04 16.77 6.36
N LYS A 23 3.62 16.92 5.09
CA LYS A 23 4.33 16.32 3.94
C LYS A 23 4.18 14.79 3.90
N ARG A 24 3.40 14.23 4.82
CA ARG A 24 3.25 12.78 4.91
C ARG A 24 2.57 12.21 3.67
N ALA A 25 1.44 12.79 3.27
CA ALA A 25 0.68 12.29 2.13
C ALA A 25 1.53 12.24 0.87
N GLN A 26 2.48 13.17 0.73
CA GLN A 26 3.32 13.23 -0.44
C GLN A 26 4.36 12.11 -0.44
N ARG A 27 4.75 11.63 0.73
CA ARG A 27 5.68 10.52 0.81
C ARG A 27 4.92 9.19 0.82
N ILE A 28 3.65 9.25 1.21
CA ILE A 28 2.76 8.09 1.13
C ILE A 28 2.61 7.67 -0.32
N LEU A 29 2.66 8.65 -1.22
CA LEU A 29 2.60 8.40 -2.66
C LEU A 29 3.69 7.42 -3.07
N ILE A 30 4.85 7.52 -2.43
CA ILE A 30 5.95 6.60 -2.69
C ILE A 30 5.78 5.34 -1.87
N PHE A 31 5.41 5.49 -0.60
CA PHE A 31 5.22 4.35 0.29
C PHE A 31 4.20 3.37 -0.29
N LEU A 32 3.14 3.91 -0.90
CA LEU A 32 2.09 3.08 -1.47
C LEU A 32 2.60 2.26 -2.64
N LEU A 33 3.51 2.82 -3.43
CA LEU A 33 4.03 2.10 -4.59
C LEU A 33 4.99 1.01 -4.15
N GLU A 34 5.73 1.28 -3.08
CA GLU A 34 6.62 0.30 -2.48
C GLU A 34 5.79 -0.81 -1.84
N PHE A 35 4.75 -0.41 -1.13
CA PHE A 35 3.86 -1.33 -0.43
C PHE A 35 3.19 -2.26 -1.43
N LEU A 36 2.70 -1.68 -2.52
CA LEU A 36 2.08 -2.42 -3.59
C LEU A 36 3.03 -3.53 -4.08
N LEU A 37 4.28 -3.15 -4.28
CA LEU A 37 5.29 -4.08 -4.77
C LEU A 37 5.55 -5.17 -3.73
N ASP A 38 5.85 -4.76 -2.51
CA ASP A 38 6.17 -5.68 -1.42
C ASP A 38 5.02 -6.65 -1.17
N PHE A 39 3.83 -6.10 -1.06
CA PHE A 39 2.62 -6.89 -0.78
C PHE A 39 2.41 -7.98 -1.82
N CYS A 40 2.51 -7.62 -3.09
CA CYS A 40 2.33 -8.58 -4.18
C CYS A 40 3.53 -9.52 -4.27
N THR A 41 4.67 -9.04 -3.81
CA THR A 41 5.93 -9.78 -3.84
C THR A 41 6.43 -9.90 -5.29
N GLY A 42 5.73 -10.69 -6.09
CA GLY A 42 6.11 -10.85 -7.48
C GLY A 42 4.93 -10.67 -8.40
N GLU A 43 4.94 -9.60 -9.17
CA GLU A 43 3.86 -9.32 -10.11
C GLU A 43 4.08 -10.02 -11.43
N ASP A 44 3.05 -10.72 -11.86
CA ASP A 44 3.08 -11.46 -13.11
C ASP A 44 1.95 -11.01 -14.02
N SER A 45 0.72 -11.29 -13.61
CA SER A 45 -0.47 -10.96 -14.38
C SER A 45 -0.40 -11.62 -15.77
N VAL A 46 0.17 -12.82 -15.81
CA VAL A 46 0.32 -13.55 -17.06
C VAL A 46 -0.76 -14.60 -17.17
N ASP A 47 -1.05 -15.26 -16.06
CA ASP A 47 -2.06 -16.31 -16.04
C ASP A 47 -3.22 -15.92 -15.12
N GLY A 48 -3.88 -14.83 -15.47
CA GLY A 48 -5.00 -14.36 -14.69
C GLY A 48 -6.25 -15.16 -14.98
N LYS A 49 -6.19 -16.46 -14.74
CA LYS A 49 -7.29 -17.36 -14.99
C LYS A 49 -8.32 -17.23 -13.86
N LYS A 50 -7.84 -17.36 -12.64
CA LYS A 50 -8.69 -17.20 -11.46
C LYS A 50 -8.76 -15.74 -11.04
N ARG A 51 -9.66 -15.46 -10.10
CA ARG A 51 -9.92 -14.10 -9.63
C ARG A 51 -10.20 -13.17 -10.81
N GLN A 52 -10.82 -13.73 -11.83
CA GLN A 52 -11.02 -13.03 -13.08
C GLN A 52 -12.29 -12.20 -13.03
N ARG A 53 -13.43 -12.86 -13.11
CA ARG A 53 -14.71 -12.16 -13.13
C ARG A 53 -15.78 -13.00 -12.46
N HIS A 54 -15.38 -13.81 -11.49
CA HIS A 54 -16.32 -14.65 -10.78
C HIS A 54 -16.03 -14.63 -9.29
N SER A 55 -17.09 -14.65 -8.50
CA SER A 55 -16.98 -14.69 -7.05
C SER A 55 -17.97 -15.70 -6.49
N GLY A 56 -17.46 -16.73 -5.83
CA GLY A 56 -18.34 -17.76 -5.29
C GLY A 56 -17.83 -18.33 -4.00
N LEU A 57 -18.73 -18.92 -3.23
CA LEU A 57 -18.38 -19.53 -1.95
C LEU A 57 -17.88 -20.95 -2.16
N THR A 58 -18.30 -21.55 -3.27
CA THR A 58 -17.89 -22.90 -3.62
C THR A 58 -16.43 -22.92 -4.10
N GLU A 59 -15.87 -21.74 -4.31
CA GLU A 59 -14.48 -21.62 -4.74
C GLU A 59 -13.55 -21.90 -3.57
N GLN A 60 -12.55 -22.73 -3.80
CA GLN A 60 -11.52 -23.02 -2.79
C GLN A 60 -12.16 -23.61 -1.53
N THR A 61 -13.00 -24.60 -1.74
CA THR A 61 -13.74 -25.26 -0.66
C THR A 61 -12.79 -25.77 0.43
N TYR A 62 -12.04 -26.81 0.11
CA TYR A 62 -11.05 -27.34 1.03
C TYR A 62 -9.68 -26.77 0.67
N SER A 63 -9.59 -25.46 0.71
CA SER A 63 -8.36 -24.76 0.43
C SER A 63 -8.31 -23.46 1.23
N ALA A 64 -7.14 -22.82 1.27
CA ALA A 64 -6.95 -21.60 2.04
C ALA A 64 -7.31 -21.83 3.50
N LEU A 65 -6.50 -22.62 4.17
CA LEU A 65 -6.73 -22.99 5.57
C LEU A 65 -6.85 -21.74 6.44
N PRO A 66 -8.02 -21.56 7.09
CA PRO A 66 -8.31 -20.40 7.93
C PRO A 66 -7.19 -20.09 8.92
N GLU A 67 -6.60 -18.93 8.78
CA GLU A 67 -5.55 -18.48 9.67
C GLU A 67 -6.11 -18.22 11.06
N PRO A 68 -5.38 -18.64 12.12
CA PRO A 68 -5.80 -18.43 13.50
C PRO A 68 -6.07 -16.95 13.79
N LYS A 69 -7.34 -16.60 13.88
CA LYS A 69 -7.75 -15.22 14.11
C LYS A 69 -8.79 -15.17 15.24
N ALA A 70 -8.58 -16.02 16.23
CA ALA A 70 -9.50 -16.15 17.34
C ALA A 70 -9.22 -15.09 18.41
N THR A 71 -9.04 -13.85 17.97
CA THR A 71 -8.83 -12.75 18.87
C THR A 71 -10.16 -12.29 19.44
N MET A 1 -1.17 1.64 18.39
CA MET A 1 -2.47 2.34 18.39
C MET A 1 -2.70 3.06 19.71
N VAL A 2 -1.62 3.44 20.37
CA VAL A 2 -1.71 4.19 21.62
C VAL A 2 -1.77 5.68 21.33
N LEU A 3 -2.67 6.38 22.02
CA LEU A 3 -2.88 7.81 21.80
C LEU A 3 -1.84 8.63 22.55
N ARG A 4 -0.57 8.36 22.28
CA ARG A 4 0.53 9.05 22.95
C ARG A 4 0.92 10.30 22.17
N GLN A 5 0.55 10.35 20.90
CA GLN A 5 0.87 11.48 20.04
C GLN A 5 -0.36 12.33 19.79
N LEU A 6 -1.45 11.68 19.41
CA LEU A 6 -2.70 12.36 19.15
C LEU A 6 -3.80 11.83 20.07
N SER A 7 -4.00 12.50 21.19
CA SER A 7 -5.00 12.08 22.16
C SER A 7 -6.37 12.66 21.79
N ARG A 8 -6.43 13.96 21.59
CA ARG A 8 -7.68 14.62 21.24
C ARG A 8 -7.66 15.06 19.78
N LYS A 9 -6.46 15.25 19.24
CA LYS A 9 -6.31 15.68 17.86
C LYS A 9 -6.20 14.49 16.93
N ALA A 10 -6.74 13.36 17.36
CA ALA A 10 -6.87 12.20 16.50
C ALA A 10 -8.26 12.21 15.88
N SER A 11 -9.23 12.67 16.66
CA SER A 11 -10.58 12.84 16.17
C SER A 11 -10.74 14.23 15.56
N VAL A 12 -10.47 15.26 16.35
CA VAL A 12 -10.56 16.63 15.87
C VAL A 12 -9.19 17.13 15.47
N LYS A 13 -9.04 17.38 14.19
CA LYS A 13 -7.76 17.79 13.64
C LYS A 13 -7.84 19.21 13.09
N VAL A 14 -9.06 19.75 13.08
CA VAL A 14 -9.32 21.13 12.69
C VAL A 14 -9.08 21.35 11.19
N SER A 15 -7.82 21.32 10.77
CA SER A 15 -7.48 21.59 9.39
C SER A 15 -6.80 20.38 8.75
N LYS A 16 -7.42 19.87 7.69
CA LYS A 16 -6.90 18.72 6.97
C LYS A 16 -6.86 19.02 5.48
N THR A 17 -6.22 20.13 5.13
CA THR A 17 -6.07 20.53 3.75
C THR A 17 -4.77 21.29 3.55
N TRP A 18 -4.03 20.92 2.51
CA TRP A 18 -2.72 21.52 2.20
C TRP A 18 -1.72 21.21 3.29
N SER A 19 -2.09 20.29 4.17
CA SER A 19 -1.24 19.89 5.28
C SER A 19 -0.09 19.02 4.78
N GLY A 20 1.04 19.66 4.50
CA GLY A 20 2.19 18.95 3.97
C GLY A 20 2.25 19.03 2.46
N THR A 21 1.07 19.13 1.84
CA THR A 21 0.88 19.19 0.38
C THR A 21 1.82 18.24 -0.38
N LYS A 22 2.99 18.72 -0.79
CA LYS A 22 3.92 17.90 -1.56
C LYS A 22 4.51 16.80 -0.69
N LYS A 23 4.75 17.12 0.58
CA LYS A 23 5.31 16.16 1.53
C LYS A 23 4.20 15.28 2.10
N ARG A 24 3.01 15.46 1.55
CA ARG A 24 1.86 14.65 1.95
C ARG A 24 1.47 13.73 0.80
N ALA A 25 1.37 14.31 -0.39
CA ALA A 25 1.02 13.55 -1.58
C ALA A 25 2.12 12.55 -1.94
N GLN A 26 3.32 13.06 -2.20
CA GLN A 26 4.44 12.21 -2.60
C GLN A 26 4.76 11.19 -1.51
N ARG A 27 4.61 11.61 -0.26
CA ARG A 27 4.87 10.76 0.88
C ARG A 27 4.08 9.46 0.78
N ILE A 28 2.77 9.59 0.64
CA ILE A 28 1.90 8.41 0.56
C ILE A 28 2.18 7.63 -0.71
N LEU A 29 2.37 8.34 -1.82
CA LEU A 29 2.59 7.69 -3.11
C LEU A 29 3.80 6.77 -3.04
N ILE A 30 4.94 7.31 -2.61
CA ILE A 30 6.17 6.52 -2.50
C ILE A 30 6.01 5.42 -1.44
N PHE A 31 5.42 5.79 -0.31
CA PHE A 31 5.22 4.85 0.79
C PHE A 31 4.36 3.67 0.34
N LEU A 32 3.35 3.96 -0.46
CA LEU A 32 2.40 2.95 -0.88
C LEU A 32 2.90 2.17 -2.10
N LEU A 33 3.57 2.84 -3.03
CA LEU A 33 4.02 2.17 -4.26
C LEU A 33 5.01 1.06 -3.94
N GLU A 34 5.92 1.32 -3.02
CA GLU A 34 6.90 0.32 -2.63
C GLU A 34 6.23 -0.82 -1.86
N PHE A 35 5.20 -0.48 -1.10
CA PHE A 35 4.42 -1.46 -0.37
C PHE A 35 3.67 -2.37 -1.33
N LEU A 36 3.05 -1.77 -2.34
CA LEU A 36 2.30 -2.51 -3.35
C LEU A 36 3.20 -3.49 -4.08
N LEU A 37 4.44 -3.08 -4.34
CA LEU A 37 5.39 -3.91 -5.06
C LEU A 37 5.98 -4.99 -4.17
N ASP A 38 5.60 -4.99 -2.90
CA ASP A 38 6.06 -6.01 -1.96
C ASP A 38 4.91 -6.91 -1.54
N PHE A 39 3.81 -6.27 -1.14
CA PHE A 39 2.61 -6.96 -0.70
C PHE A 39 2.05 -7.84 -1.80
N CYS A 40 2.12 -7.35 -3.03
CA CYS A 40 1.62 -8.09 -4.18
C CYS A 40 2.43 -7.73 -5.42
N THR A 41 3.63 -8.31 -5.53
CA THR A 41 4.51 -8.02 -6.65
C THR A 41 4.16 -8.90 -7.85
N GLY A 42 4.91 -8.74 -8.92
CA GLY A 42 4.64 -9.47 -10.14
C GLY A 42 4.19 -8.55 -11.25
N GLU A 43 3.44 -9.07 -12.20
CA GLU A 43 2.95 -8.28 -13.31
C GLU A 43 1.83 -7.35 -12.85
N ASP A 44 0.71 -7.93 -12.47
CA ASP A 44 -0.49 -7.18 -12.08
C ASP A 44 -0.87 -6.20 -13.19
N SER A 45 -1.05 -6.75 -14.38
CA SER A 45 -1.40 -5.96 -15.53
C SER A 45 -2.85 -5.47 -15.44
N VAL A 46 -3.02 -4.30 -14.83
CA VAL A 46 -4.33 -3.69 -14.68
C VAL A 46 -4.90 -3.28 -16.03
N ASP A 47 -4.01 -2.99 -16.96
CA ASP A 47 -4.39 -2.63 -18.31
C ASP A 47 -3.74 -3.57 -19.31
N GLY A 48 -4.50 -3.99 -20.31
CA GLY A 48 -3.99 -4.94 -21.28
C GLY A 48 -3.27 -4.26 -22.43
N LYS A 49 -3.14 -2.93 -22.34
CA LYS A 49 -2.53 -2.11 -23.38
C LYS A 49 -3.37 -2.12 -24.66
N LYS A 50 -3.79 -0.94 -25.08
CA LYS A 50 -4.61 -0.78 -26.28
C LYS A 50 -3.93 -1.45 -27.46
N ARG A 51 -4.66 -2.35 -28.11
CA ARG A 51 -4.13 -3.14 -29.22
C ARG A 51 -3.72 -2.26 -30.39
N GLN A 52 -2.44 -2.30 -30.73
CA GLN A 52 -1.94 -1.61 -31.90
C GLN A 52 -2.20 -2.45 -33.15
N ARG A 53 -2.62 -3.70 -32.93
CA ARG A 53 -3.06 -4.62 -33.98
C ARG A 53 -2.17 -4.57 -35.21
N HIS A 54 -0.88 -4.86 -35.02
CA HIS A 54 0.08 -4.95 -36.11
C HIS A 54 0.90 -6.22 -35.97
N SER A 55 1.10 -6.91 -37.07
CA SER A 55 1.87 -8.15 -37.06
C SER A 55 3.36 -7.87 -36.90
N GLY A 56 3.81 -7.86 -35.66
CA GLY A 56 5.21 -7.61 -35.37
C GLY A 56 5.39 -7.00 -33.99
N LEU A 57 6.63 -6.71 -33.65
CA LEU A 57 6.95 -6.12 -32.35
C LEU A 57 7.76 -4.85 -32.57
N THR A 58 8.92 -5.01 -33.18
CA THR A 58 9.79 -3.88 -33.49
C THR A 58 9.42 -3.28 -34.84
N GLU A 59 9.20 -4.15 -35.81
CA GLU A 59 8.83 -3.74 -37.16
C GLU A 59 7.34 -4.02 -37.38
N GLN A 60 6.50 -3.09 -36.93
CA GLN A 60 5.06 -3.30 -36.91
C GLN A 60 4.40 -2.79 -38.18
N THR A 61 4.97 -3.14 -39.31
CA THR A 61 4.42 -2.74 -40.59
C THR A 61 4.45 -3.90 -41.59
N TYR A 62 5.63 -4.24 -42.06
CA TYR A 62 5.81 -5.33 -43.01
C TYR A 62 7.26 -5.77 -42.97
N SER A 63 7.50 -7.07 -43.18
CA SER A 63 8.84 -7.62 -43.15
C SER A 63 9.70 -6.99 -44.25
N ALA A 64 10.52 -6.02 -43.86
CA ALA A 64 11.31 -5.26 -44.81
C ALA A 64 12.78 -5.31 -44.45
N LEU A 65 13.38 -6.45 -44.71
CA LEU A 65 14.82 -6.63 -44.50
C LEU A 65 15.60 -5.96 -45.63
N PRO A 66 16.45 -4.97 -45.31
CA PRO A 66 17.34 -4.34 -46.28
C PRO A 66 18.32 -5.36 -46.84
N GLU A 67 18.04 -5.86 -48.04
CA GLU A 67 18.78 -6.98 -48.62
C GLU A 67 18.56 -8.22 -47.75
N PRO A 68 17.46 -8.97 -48.01
CA PRO A 68 17.05 -10.11 -47.19
C PRO A 68 18.06 -11.26 -47.21
N LYS A 69 19.02 -11.20 -46.29
CA LYS A 69 20.00 -12.26 -46.12
C LYS A 69 19.37 -13.37 -45.28
N ALA A 70 18.44 -12.97 -44.43
CA ALA A 70 17.72 -13.88 -43.56
C ALA A 70 16.36 -13.27 -43.25
N THR A 71 15.35 -14.12 -43.15
CA THR A 71 14.00 -13.67 -42.91
C THR A 71 13.29 -14.62 -41.96
N MET A 1 -21.76 32.98 -24.74
CA MET A 1 -21.01 33.70 -23.68
C MET A 1 -19.65 33.04 -23.45
N VAL A 2 -18.71 33.34 -24.35
CA VAL A 2 -17.35 32.80 -24.29
C VAL A 2 -17.33 31.31 -24.62
N LEU A 3 -16.73 30.98 -25.75
CA LEU A 3 -16.67 29.60 -26.21
C LEU A 3 -15.36 28.95 -25.75
N ARG A 4 -14.85 29.43 -24.64
CA ARG A 4 -13.59 28.95 -24.10
C ARG A 4 -13.73 28.74 -22.59
N GLN A 5 -14.84 28.14 -22.20
CA GLN A 5 -15.16 27.94 -20.79
C GLN A 5 -14.43 26.73 -20.23
N LEU A 6 -14.76 25.56 -20.75
CA LEU A 6 -14.14 24.33 -20.31
C LEU A 6 -12.74 24.19 -20.93
N SER A 7 -12.57 24.83 -22.08
CA SER A 7 -11.33 24.75 -22.82
C SER A 7 -10.25 25.65 -22.20
N ARG A 8 -10.02 25.49 -20.90
CA ARG A 8 -8.99 26.22 -20.18
C ARG A 8 -8.84 25.67 -18.77
N LYS A 9 -9.95 25.21 -18.21
CA LYS A 9 -9.95 24.65 -16.85
C LYS A 9 -9.63 23.16 -16.90
N ALA A 10 -9.34 22.66 -18.09
CA ALA A 10 -9.00 21.26 -18.27
C ALA A 10 -7.49 21.06 -18.28
N SER A 11 -6.75 22.16 -18.35
CA SER A 11 -5.30 22.11 -18.30
C SER A 11 -4.73 23.49 -18.00
N VAL A 12 -5.04 24.00 -16.83
CA VAL A 12 -4.49 25.28 -16.39
C VAL A 12 -3.47 25.05 -15.27
N LYS A 13 -3.72 24.01 -14.45
CA LYS A 13 -2.85 23.58 -13.36
C LYS A 13 -2.17 24.75 -12.64
N VAL A 14 -2.97 25.52 -11.92
CA VAL A 14 -2.47 26.67 -11.17
C VAL A 14 -2.81 26.57 -9.69
N SER A 15 -3.85 25.82 -9.35
CA SER A 15 -4.37 25.78 -7.97
C SER A 15 -3.51 24.89 -7.05
N LYS A 16 -2.22 25.18 -7.01
CA LYS A 16 -1.31 24.52 -6.09
C LYS A 16 0.08 25.15 -6.20
N THR A 17 0.83 25.13 -5.12
CA THR A 17 2.20 25.59 -5.13
C THR A 17 3.13 24.41 -4.90
N TRP A 18 2.52 23.30 -4.43
CA TRP A 18 3.21 22.04 -4.20
C TRP A 18 4.38 22.24 -3.23
N SER A 19 4.25 23.24 -2.39
CA SER A 19 5.31 23.60 -1.47
C SER A 19 4.75 23.76 -0.05
N GLY A 20 5.27 22.97 0.87
CA GLY A 20 4.81 23.04 2.24
C GLY A 20 3.56 22.23 2.44
N THR A 21 3.48 21.09 1.78
CA THR A 21 2.40 20.17 1.95
C THR A 21 2.72 19.17 3.05
N LYS A 22 3.83 19.44 3.73
CA LYS A 22 4.41 18.49 4.69
C LYS A 22 4.72 17.18 3.98
N LYS A 23 5.08 17.32 2.70
CA LYS A 23 5.34 16.20 1.78
C LYS A 23 4.27 15.12 1.89
N ARG A 24 3.06 15.51 2.30
CA ARG A 24 2.01 14.55 2.59
C ARG A 24 1.59 13.80 1.33
N ALA A 25 1.15 14.55 0.33
CA ALA A 25 0.60 13.95 -0.88
C ALA A 25 1.71 13.57 -1.86
N GLN A 26 2.91 13.35 -1.35
CA GLN A 26 4.00 12.87 -2.19
C GLN A 26 4.68 11.66 -1.56
N ARG A 27 4.87 11.68 -0.24
CA ARG A 27 5.53 10.56 0.43
C ARG A 27 4.58 9.37 0.55
N ILE A 28 3.28 9.62 0.65
CA ILE A 28 2.30 8.54 0.76
C ILE A 28 2.29 7.71 -0.53
N LEU A 29 2.39 8.40 -1.66
CA LEU A 29 2.41 7.73 -2.95
C LEU A 29 3.66 6.87 -3.09
N ILE A 30 4.79 7.40 -2.62
CA ILE A 30 6.05 6.66 -2.67
C ILE A 30 5.98 5.45 -1.75
N PHE A 31 5.41 5.63 -0.57
CA PHE A 31 5.21 4.54 0.38
C PHE A 31 4.28 3.49 -0.19
N LEU A 32 3.21 3.94 -0.83
CA LEU A 32 2.23 3.05 -1.42
C LEU A 32 2.87 2.17 -2.49
N LEU A 33 3.79 2.76 -3.25
CA LEU A 33 4.52 2.03 -4.28
C LEU A 33 5.23 0.82 -3.68
N GLU A 34 6.19 1.09 -2.82
CA GLU A 34 7.00 0.05 -2.21
C GLU A 34 6.16 -0.93 -1.41
N PHE A 35 5.06 -0.45 -0.85
CA PHE A 35 4.16 -1.29 -0.07
C PHE A 35 3.40 -2.25 -0.97
N LEU A 36 2.74 -1.72 -1.98
CA LEU A 36 1.91 -2.54 -2.86
C LEU A 36 2.75 -3.53 -3.66
N LEU A 37 3.92 -3.10 -4.09
CA LEU A 37 4.79 -3.94 -4.91
C LEU A 37 5.50 -4.99 -4.04
N ASP A 38 5.56 -4.74 -2.74
CA ASP A 38 6.12 -5.72 -1.81
C ASP A 38 5.03 -6.71 -1.45
N PHE A 39 3.85 -6.19 -1.22
CA PHE A 39 2.66 -7.01 -0.98
C PHE A 39 2.44 -7.96 -2.17
N CYS A 40 2.38 -7.37 -3.36
CA CYS A 40 2.23 -8.13 -4.60
C CYS A 40 2.34 -7.18 -5.79
N THR A 41 1.24 -6.51 -6.10
CA THR A 41 1.25 -5.48 -7.12
C THR A 41 0.46 -4.27 -6.63
N GLY A 42 -0.71 -4.53 -6.06
CA GLY A 42 -1.54 -3.47 -5.52
C GLY A 42 -2.81 -3.32 -6.33
N GLU A 43 -3.73 -2.52 -5.80
CA GLU A 43 -4.97 -2.24 -6.50
C GLU A 43 -4.69 -1.49 -7.80
N ASP A 44 -5.65 -1.56 -8.72
CA ASP A 44 -5.51 -0.88 -10.00
C ASP A 44 -6.30 0.42 -9.98
N SER A 45 -6.17 1.14 -8.87
CA SER A 45 -6.92 2.37 -8.61
C SER A 45 -8.43 2.09 -8.63
N VAL A 46 -8.94 1.61 -7.50
CA VAL A 46 -10.36 1.29 -7.38
C VAL A 46 -11.19 2.56 -7.55
N ASP A 47 -10.65 3.67 -7.06
CA ASP A 47 -11.24 5.00 -7.25
C ASP A 47 -12.72 5.02 -6.90
N GLY A 48 -13.00 5.23 -5.63
CA GLY A 48 -14.37 5.25 -5.17
C GLY A 48 -14.99 6.63 -5.21
N LYS A 49 -14.98 7.26 -6.38
CA LYS A 49 -15.55 8.59 -6.52
C LYS A 49 -17.00 8.49 -6.97
N LYS A 50 -17.21 8.31 -8.26
CA LYS A 50 -18.54 8.25 -8.84
C LYS A 50 -19.24 6.96 -8.42
N ARG A 51 -20.46 7.09 -7.94
CA ARG A 51 -21.22 5.93 -7.51
C ARG A 51 -21.99 5.33 -8.68
N GLN A 52 -22.33 4.06 -8.58
CA GLN A 52 -22.98 3.34 -9.67
C GLN A 52 -24.28 4.02 -10.07
N ARG A 53 -25.26 3.98 -9.18
CA ARG A 53 -26.58 4.50 -9.45
C ARG A 53 -26.63 5.99 -9.13
N HIS A 54 -25.67 6.72 -9.68
CA HIS A 54 -25.60 8.16 -9.50
C HIS A 54 -26.72 8.85 -10.27
N SER A 55 -27.30 8.14 -11.21
CA SER A 55 -28.40 8.66 -12.00
C SER A 55 -29.56 7.66 -11.99
N GLY A 56 -30.76 8.14 -12.28
CA GLY A 56 -31.91 7.28 -12.29
C GLY A 56 -32.87 7.64 -13.40
N LEU A 57 -32.96 6.78 -14.42
CA LEU A 57 -33.85 7.01 -15.55
C LEU A 57 -35.29 7.07 -15.07
N THR A 58 -35.79 5.93 -14.64
CA THR A 58 -37.15 5.83 -14.15
C THR A 58 -37.20 6.05 -12.62
N GLU A 59 -36.39 7.02 -12.16
CA GLU A 59 -36.34 7.40 -10.75
C GLU A 59 -36.06 6.18 -9.86
N GLN A 60 -36.38 6.31 -8.58
CA GLN A 60 -36.27 5.21 -7.65
C GLN A 60 -37.61 4.99 -6.96
N THR A 61 -38.63 4.72 -7.78
CA THR A 61 -39.98 4.58 -7.30
C THR A 61 -40.21 3.22 -6.64
N TYR A 62 -41.46 2.92 -6.33
CA TYR A 62 -41.81 1.65 -5.70
C TYR A 62 -41.23 0.47 -6.49
N SER A 63 -40.27 -0.19 -5.87
CA SER A 63 -39.63 -1.35 -6.46
C SER A 63 -40.24 -2.62 -5.87
N ALA A 64 -39.81 -3.77 -6.38
CA ALA A 64 -40.28 -5.08 -5.91
C ALA A 64 -41.75 -5.29 -6.24
N LEU A 65 -42.00 -5.90 -7.40
CA LEU A 65 -43.35 -6.15 -7.89
C LEU A 65 -44.16 -4.86 -7.98
N PRO A 66 -43.78 -3.95 -8.89
CA PRO A 66 -44.51 -2.70 -9.10
C PRO A 66 -45.93 -2.96 -9.59
N GLU A 67 -46.89 -2.24 -9.02
CA GLU A 67 -48.29 -2.46 -9.34
C GLU A 67 -48.68 -1.79 -10.65
N PRO A 68 -49.12 -2.58 -11.62
CA PRO A 68 -49.59 -2.08 -12.91
C PRO A 68 -51.09 -1.84 -12.91
N LYS A 69 -51.51 -0.79 -12.22
CA LYS A 69 -52.92 -0.46 -12.12
C LYS A 69 -53.43 0.09 -13.43
N ALA A 70 -52.60 0.91 -14.07
CA ALA A 70 -52.88 1.54 -15.36
C ALA A 70 -54.04 2.53 -15.24
N THR A 71 -55.26 2.02 -15.22
CA THR A 71 -56.44 2.83 -15.13
C THR A 71 -57.43 2.24 -14.12
N MET A 1 -10.53 -6.41 12.74
CA MET A 1 -9.06 -6.54 12.61
C MET A 1 -8.66 -8.00 12.57
N VAL A 2 -7.47 -8.28 12.06
CA VAL A 2 -6.95 -9.63 12.01
C VAL A 2 -6.24 -9.96 13.32
N LEU A 3 -6.25 -11.23 13.70
CA LEU A 3 -5.57 -11.67 14.90
C LEU A 3 -4.05 -11.68 14.67
N ARG A 4 -3.31 -12.08 15.70
CA ARG A 4 -1.84 -12.06 15.67
C ARG A 4 -1.34 -10.61 15.68
N GLN A 5 -2.23 -9.69 16.05
CA GLN A 5 -1.88 -8.28 16.09
C GLN A 5 -1.28 -7.91 17.44
N LEU A 6 -1.30 -8.86 18.37
CA LEU A 6 -0.67 -8.65 19.67
C LEU A 6 0.80 -9.05 19.62
N SER A 7 1.25 -9.49 18.45
CA SER A 7 2.63 -9.89 18.25
C SER A 7 3.47 -8.67 17.86
N ARG A 8 2.86 -7.75 17.13
CA ARG A 8 3.56 -6.57 16.62
C ARG A 8 3.85 -5.57 17.73
N LYS A 9 3.21 -5.77 18.88
CA LYS A 9 3.35 -4.84 20.00
C LYS A 9 4.80 -4.75 20.47
N ALA A 10 5.58 -5.77 20.15
CA ALA A 10 6.99 -5.81 20.53
C ALA A 10 7.85 -5.00 19.55
N SER A 11 7.22 -4.50 18.49
CA SER A 11 7.93 -3.73 17.48
C SER A 11 7.01 -2.64 16.91
N VAL A 12 6.11 -2.14 17.73
CA VAL A 12 5.15 -1.13 17.29
C VAL A 12 5.59 0.26 17.76
N LYS A 13 6.42 0.28 18.79
CA LYS A 13 6.99 1.52 19.30
C LYS A 13 8.48 1.59 18.95
N VAL A 14 9.07 0.43 18.69
CA VAL A 14 10.47 0.34 18.31
C VAL A 14 10.75 1.16 17.05
N SER A 15 11.54 2.23 17.21
CA SER A 15 11.86 3.11 16.10
C SER A 15 10.60 3.65 15.44
N LYS A 16 9.60 3.94 16.25
CA LYS A 16 8.32 4.41 15.74
C LYS A 16 7.81 5.59 16.56
N THR A 17 8.48 6.72 16.40
CA THR A 17 8.01 7.97 16.96
C THR A 17 8.41 9.13 16.06
N TRP A 18 9.64 9.09 15.56
CA TRP A 18 10.13 10.07 14.61
C TRP A 18 10.83 9.39 13.44
N SER A 19 10.55 8.10 13.29
CA SER A 19 11.15 7.31 12.24
C SER A 19 10.04 6.62 11.45
N GLY A 20 10.09 6.78 10.14
CA GLY A 20 9.10 6.19 9.27
C GLY A 20 7.73 6.83 9.45
N THR A 21 7.74 8.13 9.68
CA THR A 21 6.51 8.88 9.82
C THR A 21 6.68 10.29 9.26
N LYS A 22 7.83 10.90 9.53
CA LYS A 22 8.10 12.25 9.07
C LYS A 22 8.30 12.28 7.56
N LYS A 23 9.14 11.38 7.07
CA LYS A 23 9.43 11.31 5.64
C LYS A 23 8.36 10.51 4.93
N ARG A 24 7.76 9.58 5.66
CA ARG A 24 6.73 8.72 5.12
C ARG A 24 5.45 9.50 4.83
N ALA A 25 5.25 10.61 5.54
CA ALA A 25 4.05 11.42 5.37
C ALA A 25 4.23 12.47 4.28
N GLN A 26 5.48 12.66 3.85
CA GLN A 26 5.75 13.58 2.74
C GLN A 26 6.00 12.77 1.46
N ARG A 27 5.98 11.45 1.60
CA ARG A 27 6.16 10.55 0.47
C ARG A 27 5.18 9.40 0.54
N ILE A 28 3.94 9.70 0.93
CA ILE A 28 2.91 8.69 1.10
C ILE A 28 2.67 7.90 -0.20
N LEU A 29 2.65 8.60 -1.32
CA LEU A 29 2.38 7.96 -2.61
C LEU A 29 3.52 7.00 -2.97
N ILE A 30 4.73 7.36 -2.61
CA ILE A 30 5.89 6.53 -2.89
C ILE A 30 5.87 5.30 -2.00
N PHE A 31 5.64 5.50 -0.72
CA PHE A 31 5.57 4.40 0.23
C PHE A 31 4.44 3.44 -0.17
N LEU A 32 3.39 4.02 -0.74
CA LEU A 32 2.23 3.24 -1.19
C LEU A 32 2.62 2.30 -2.32
N LEU A 33 3.42 2.80 -3.27
CA LEU A 33 3.82 1.99 -4.41
C LEU A 33 4.79 0.89 -3.96
N GLU A 34 5.60 1.22 -2.96
CA GLU A 34 6.50 0.23 -2.36
C GLU A 34 5.69 -0.87 -1.72
N PHE A 35 4.58 -0.48 -1.10
CA PHE A 35 3.68 -1.42 -0.46
C PHE A 35 3.06 -2.34 -1.50
N LEU A 36 2.70 -1.78 -2.65
CA LEU A 36 2.14 -2.56 -3.74
C LEU A 36 3.12 -3.63 -4.21
N LEU A 37 4.40 -3.26 -4.26
CA LEU A 37 5.44 -4.16 -4.71
C LEU A 37 5.72 -5.23 -3.65
N ASP A 38 5.69 -4.82 -2.40
CA ASP A 38 5.94 -5.73 -1.27
C ASP A 38 4.79 -6.70 -1.10
N PHE A 39 3.58 -6.15 -1.06
CA PHE A 39 2.36 -6.92 -0.88
C PHE A 39 2.11 -7.81 -2.10
N CYS A 40 2.79 -7.48 -3.19
CA CYS A 40 2.74 -8.26 -4.42
C CYS A 40 1.36 -8.15 -5.07
N THR A 41 0.85 -6.93 -5.14
CA THR A 41 -0.46 -6.68 -5.71
C THR A 41 -0.50 -7.10 -7.19
N GLY A 42 -1.62 -7.64 -7.61
CA GLY A 42 -1.73 -8.12 -8.97
C GLY A 42 -1.85 -9.63 -9.01
N GLU A 43 -1.88 -10.25 -7.84
CA GLU A 43 -2.08 -11.68 -7.73
C GLU A 43 -3.37 -12.09 -8.41
N ASP A 44 -4.44 -11.43 -8.04
CA ASP A 44 -5.74 -11.65 -8.66
C ASP A 44 -6.04 -10.53 -9.63
N SER A 45 -5.77 -10.79 -10.90
CA SER A 45 -5.98 -9.80 -11.94
C SER A 45 -6.67 -10.45 -13.15
N VAL A 46 -7.93 -10.80 -12.96
CA VAL A 46 -8.74 -11.32 -14.07
C VAL A 46 -9.79 -10.30 -14.47
N ASP A 47 -10.20 -9.48 -13.50
CA ASP A 47 -11.12 -8.36 -13.73
C ASP A 47 -12.54 -8.83 -14.06
N GLY A 48 -12.70 -10.12 -14.28
CA GLY A 48 -13.97 -10.66 -14.69
C GLY A 48 -14.03 -10.90 -16.18
N LYS A 49 -12.89 -10.73 -16.83
CA LYS A 49 -12.80 -10.93 -18.27
C LYS A 49 -11.90 -12.13 -18.58
N LYS A 50 -11.69 -12.41 -19.85
CA LYS A 50 -10.78 -13.47 -20.24
C LYS A 50 -9.34 -12.94 -20.26
N ARG A 51 -8.98 -12.30 -21.38
CA ARG A 51 -7.67 -11.66 -21.53
C ARG A 51 -6.51 -12.64 -21.36
N GLN A 52 -5.95 -13.06 -22.50
CA GLN A 52 -4.88 -14.06 -22.52
C GLN A 52 -3.63 -13.60 -21.76
N ARG A 53 -3.42 -12.29 -21.69
CA ARG A 53 -2.26 -11.74 -20.98
C ARG A 53 -2.45 -11.82 -19.48
N HIS A 54 -3.66 -12.16 -19.06
CA HIS A 54 -3.95 -12.31 -17.64
C HIS A 54 -4.07 -13.79 -17.32
N SER A 55 -3.47 -14.19 -16.20
CA SER A 55 -3.39 -15.61 -15.79
C SER A 55 -2.38 -16.36 -16.64
N GLY A 56 -2.43 -16.12 -17.95
CA GLY A 56 -1.44 -16.69 -18.85
C GLY A 56 -2.00 -17.79 -19.72
N LEU A 57 -1.19 -18.24 -20.67
CA LEU A 57 -1.55 -19.36 -21.51
C LEU A 57 -0.72 -20.58 -21.11
N THR A 58 0.55 -20.55 -21.46
CA THR A 58 1.47 -21.61 -21.10
C THR A 58 2.25 -21.24 -19.84
N GLU A 59 1.85 -20.14 -19.21
CA GLU A 59 2.51 -19.68 -17.99
C GLU A 59 2.10 -20.55 -16.80
N GLN A 60 2.99 -21.41 -16.38
CA GLN A 60 2.72 -22.36 -15.32
C GLN A 60 4.01 -22.84 -14.68
N THR A 61 4.50 -22.07 -13.72
CA THR A 61 5.70 -22.40 -12.96
C THR A 61 5.58 -23.79 -12.35
N TYR A 62 6.50 -24.68 -12.73
CA TYR A 62 6.54 -26.02 -12.16
C TYR A 62 7.43 -26.04 -10.93
N SER A 63 7.16 -26.98 -10.04
CA SER A 63 7.93 -27.09 -8.81
C SER A 63 7.87 -28.52 -8.27
N ALA A 64 8.37 -29.46 -9.06
CA ALA A 64 8.33 -30.87 -8.68
C ALA A 64 9.68 -31.32 -8.11
N LEU A 65 10.46 -30.34 -7.65
CA LEU A 65 11.76 -30.57 -7.02
C LEU A 65 12.75 -31.18 -8.00
N PRO A 66 13.43 -30.35 -8.80
CA PRO A 66 14.43 -30.80 -9.77
C PRO A 66 15.76 -31.10 -9.10
N GLU A 67 15.73 -31.93 -8.07
CA GLU A 67 16.91 -32.29 -7.32
C GLU A 67 17.56 -33.55 -7.88
N PRO A 68 18.76 -33.43 -8.46
CA PRO A 68 19.50 -34.58 -9.01
C PRO A 68 19.92 -35.56 -7.91
N LYS A 69 20.07 -36.82 -8.28
CA LYS A 69 20.41 -37.86 -7.31
C LYS A 69 21.85 -38.36 -7.49
N ALA A 70 22.67 -37.56 -8.15
CA ALA A 70 24.08 -37.88 -8.39
C ALA A 70 24.22 -39.22 -9.10
N THR A 71 23.40 -39.45 -10.10
CA THR A 71 23.42 -40.70 -10.85
C THR A 71 23.53 -40.42 -12.33
N MET A 1 3.75 18.85 24.21
CA MET A 1 2.41 18.51 23.67
C MET A 1 2.54 17.50 22.54
N VAL A 2 3.11 17.95 21.41
CA VAL A 2 3.22 17.13 20.20
C VAL A 2 1.83 16.91 19.61
N LEU A 3 1.55 17.60 18.50
CA LEU A 3 0.23 17.61 17.89
C LEU A 3 -0.78 18.23 18.87
N ARG A 4 -0.63 19.53 19.08
CA ARG A 4 -1.42 20.26 20.07
C ARG A 4 -2.91 20.17 19.77
N GLN A 5 -3.69 19.90 20.81
CA GLN A 5 -5.14 19.86 20.72
C GLN A 5 -5.63 18.81 19.72
N LEU A 6 -5.98 17.64 20.21
CA LEU A 6 -6.50 16.59 19.35
C LEU A 6 -8.00 16.76 19.15
N SER A 7 -8.37 17.83 18.45
CA SER A 7 -9.76 18.06 18.11
C SER A 7 -10.06 17.52 16.71
N ARG A 8 -9.62 18.24 15.68
CA ARG A 8 -9.86 17.83 14.31
C ARG A 8 -8.91 16.69 13.94
N LYS A 9 -7.77 16.63 14.60
CA LYS A 9 -6.81 15.55 14.40
C LYS A 9 -7.31 14.26 15.05
N ALA A 10 -8.42 14.35 15.77
CA ALA A 10 -9.05 13.18 16.37
C ALA A 10 -10.29 12.77 15.57
N SER A 11 -10.95 13.76 14.98
CA SER A 11 -12.10 13.51 14.12
C SER A 11 -11.67 12.80 12.85
N VAL A 12 -10.46 13.11 12.40
CA VAL A 12 -9.88 12.49 11.22
C VAL A 12 -8.73 11.59 11.63
N LYS A 13 -8.66 10.41 11.01
CA LYS A 13 -7.63 9.44 11.32
C LYS A 13 -6.30 9.84 10.68
N VAL A 14 -6.37 10.24 9.42
CA VAL A 14 -5.19 10.66 8.70
C VAL A 14 -5.58 11.39 7.41
N SER A 15 -4.96 12.55 7.17
CA SER A 15 -5.14 13.30 5.94
C SER A 15 -6.60 13.73 5.73
N LYS A 16 -6.97 14.86 6.30
CA LYS A 16 -8.28 15.44 6.04
C LYS A 16 -8.25 16.11 4.67
N THR A 17 -7.04 16.44 4.25
CA THR A 17 -6.79 16.98 2.95
C THR A 17 -5.46 16.41 2.49
N TRP A 18 -5.26 16.28 1.18
CA TRP A 18 -4.01 15.71 0.66
C TRP A 18 -2.90 16.74 0.69
N SER A 19 -2.87 17.53 1.75
CA SER A 19 -1.88 18.56 1.94
C SER A 19 -1.63 18.76 3.44
N GLY A 20 -0.39 18.59 3.86
CA GLY A 20 -0.06 18.71 5.27
C GLY A 20 -0.10 17.36 5.96
N THR A 21 -0.97 17.25 6.97
CA THR A 21 -1.18 16.03 7.75
C THR A 21 0.15 15.35 8.15
N LYS A 22 1.12 16.18 8.57
CA LYS A 22 2.44 15.72 8.99
C LYS A 22 3.08 14.85 7.89
N LYS A 23 2.85 15.24 6.64
CA LYS A 23 3.37 14.53 5.48
C LYS A 23 2.78 13.12 5.35
N ARG A 24 1.72 12.84 6.11
CA ARG A 24 1.09 11.53 6.08
C ARG A 24 0.12 11.42 4.92
N ALA A 25 0.59 11.82 3.75
CA ALA A 25 -0.18 11.76 2.52
C ALA A 25 0.77 11.76 1.32
N GLN A 26 1.59 12.80 1.25
CA GLN A 26 2.53 12.96 0.15
C GLN A 26 3.57 11.83 0.15
N ARG A 27 3.99 11.43 1.33
CA ARG A 27 4.99 10.37 1.45
C ARG A 27 4.35 9.00 1.18
N ILE A 28 3.07 8.88 1.53
CA ILE A 28 2.35 7.63 1.34
C ILE A 28 2.20 7.32 -0.15
N LEU A 29 2.22 8.36 -0.98
CA LEU A 29 2.18 8.17 -2.42
C LEU A 29 3.38 7.35 -2.90
N ILE A 30 4.52 7.58 -2.26
CA ILE A 30 5.73 6.84 -2.58
C ILE A 30 5.76 5.52 -1.83
N PHE A 31 5.39 5.57 -0.56
CA PHE A 31 5.29 4.36 0.25
C PHE A 31 4.37 3.35 -0.40
N LEU A 32 3.30 3.84 -1.00
CA LEU A 32 2.32 2.98 -1.65
C LEU A 32 2.95 2.18 -2.77
N LEU A 33 3.72 2.84 -3.63
CA LEU A 33 4.27 2.19 -4.81
C LEU A 33 5.25 1.09 -4.42
N GLU A 34 6.04 1.35 -3.38
CA GLU A 34 7.01 0.36 -2.92
C GLU A 34 6.31 -0.72 -2.10
N PHE A 35 5.24 -0.35 -1.44
CA PHE A 35 4.45 -1.28 -0.64
C PHE A 35 3.68 -2.23 -1.55
N LEU A 36 3.20 -1.72 -2.67
CA LEU A 36 2.48 -2.54 -3.64
C LEU A 36 3.39 -3.61 -4.23
N LEU A 37 4.66 -3.27 -4.41
CA LEU A 37 5.63 -4.22 -4.94
C LEU A 37 6.18 -5.11 -3.84
N ASP A 38 5.59 -5.02 -2.66
CA ASP A 38 5.98 -5.85 -1.52
C ASP A 38 4.80 -6.68 -1.05
N PHE A 39 3.68 -6.01 -0.84
CA PHE A 39 2.46 -6.64 -0.36
C PHE A 39 1.92 -7.62 -1.40
N CYS A 40 1.94 -7.22 -2.66
CA CYS A 40 1.46 -8.07 -3.74
C CYS A 40 2.55 -8.30 -4.77
N THR A 41 3.63 -8.95 -4.34
CA THR A 41 4.72 -9.31 -5.23
C THR A 41 4.44 -10.65 -5.90
N GLY A 42 3.85 -11.55 -5.13
CA GLY A 42 3.59 -12.90 -5.59
C GLY A 42 3.86 -13.90 -4.48
N GLU A 43 5.05 -13.83 -3.93
CA GLU A 43 5.45 -14.65 -2.81
C GLU A 43 5.70 -13.76 -1.60
N ASP A 44 5.38 -14.26 -0.42
CA ASP A 44 5.56 -13.49 0.82
C ASP A 44 6.94 -13.70 1.39
N SER A 45 7.29 -14.95 1.63
CA SER A 45 8.58 -15.30 2.20
C SER A 45 9.04 -16.66 1.68
N VAL A 46 10.28 -16.72 1.24
CA VAL A 46 10.85 -17.99 0.77
C VAL A 46 11.34 -18.80 1.95
N ASP A 47 11.91 -18.12 2.92
CA ASP A 47 12.37 -18.76 4.15
C ASP A 47 12.08 -17.85 5.34
N GLY A 48 12.44 -18.30 6.53
CA GLY A 48 12.21 -17.50 7.71
C GLY A 48 11.38 -18.25 8.74
N LYS A 49 10.83 -19.39 8.33
CA LYS A 49 9.99 -20.21 9.19
C LYS A 49 8.86 -19.39 9.79
N LYS A 50 8.04 -18.82 8.92
CA LYS A 50 6.94 -17.98 9.33
C LYS A 50 5.61 -18.67 9.00
N ARG A 51 4.53 -18.14 9.57
CA ARG A 51 3.20 -18.68 9.37
C ARG A 51 2.71 -18.44 7.95
N GLN A 52 3.22 -19.22 7.00
CA GLN A 52 2.75 -19.17 5.62
C GLN A 52 1.48 -20.00 5.49
N ARG A 53 1.66 -21.31 5.54
CA ARG A 53 0.53 -22.24 5.48
C ARG A 53 0.28 -22.86 6.84
N HIS A 54 1.33 -22.87 7.67
CA HIS A 54 1.26 -23.49 8.99
C HIS A 54 2.17 -22.76 9.97
N SER A 55 1.83 -22.85 11.25
CA SER A 55 2.60 -22.19 12.28
C SER A 55 3.60 -23.15 12.90
N GLY A 56 3.13 -24.32 13.29
CA GLY A 56 3.98 -25.30 13.91
C GLY A 56 4.12 -26.55 13.07
N LEU A 57 4.12 -27.69 13.73
CA LEU A 57 4.28 -28.98 13.07
C LEU A 57 5.60 -29.03 12.32
N THR A 58 6.67 -29.01 13.08
CA THR A 58 8.01 -29.07 12.52
C THR A 58 8.52 -30.51 12.56
N GLU A 59 7.65 -31.41 12.98
CA GLU A 59 7.97 -32.82 13.05
C GLU A 59 6.98 -33.60 12.21
N GLN A 60 7.50 -34.37 11.26
CA GLN A 60 6.67 -35.13 10.31
C GLN A 60 5.79 -34.17 9.53
N THR A 61 6.42 -33.13 9.02
CA THR A 61 5.72 -32.06 8.32
C THR A 61 5.29 -32.50 6.92
N TYR A 62 6.26 -32.79 6.08
CA TYR A 62 6.00 -33.09 4.68
C TYR A 62 5.98 -34.59 4.45
N SER A 63 5.75 -35.34 5.51
CA SER A 63 5.65 -36.79 5.41
C SER A 63 4.21 -37.20 5.13
N ALA A 64 3.33 -36.20 5.10
CA ALA A 64 1.95 -36.41 4.72
C ALA A 64 1.60 -35.50 3.56
N LEU A 65 2.20 -35.79 2.41
CA LEU A 65 2.04 -35.00 1.20
C LEU A 65 0.57 -34.87 0.81
N PRO A 66 0.02 -33.65 0.83
CA PRO A 66 -1.36 -33.38 0.41
C PRO A 66 -1.51 -33.55 -1.10
N GLU A 67 -2.34 -34.51 -1.50
CA GLU A 67 -2.60 -34.80 -2.91
C GLU A 67 -1.38 -35.43 -3.58
N PRO A 68 -1.41 -36.76 -3.81
CA PRO A 68 -0.33 -37.47 -4.47
C PRO A 68 -0.29 -37.21 -5.99
N LYS A 69 -0.10 -35.95 -6.35
CA LYS A 69 -0.02 -35.56 -7.75
C LYS A 69 1.43 -35.52 -8.21
N ALA A 70 2.28 -36.19 -7.48
CA ALA A 70 3.69 -36.28 -7.81
C ALA A 70 4.12 -37.74 -7.82
N THR A 71 3.13 -38.62 -7.99
CA THR A 71 3.35 -40.06 -8.00
C THR A 71 3.89 -40.52 -6.65
#